data_5EAL
#
_entry.id   5EAL
#
_cell.length_a   47.191
_cell.length_b   60.962
_cell.length_c   64.126
_cell.angle_alpha   110.670
_cell.angle_beta   90.430
_cell.angle_gamma   109.470
#
_symmetry.space_group_name_H-M   'P 1'
#
loop_
_entity.id
_entity.type
_entity.pdbx_description
1 polymer 'WD repeat-containing protein 5'
2 non-polymer 3-methyl-~{N}-[2-(4-methylpiperazin-1-yl)-5-quinolin-3-yl-phenyl]benzamide
3 non-polymer GLYCEROL
4 non-polymer 'CHLORIDE ION'
5 non-polymer 1,2-ETHANEDIOL
6 non-polymer 'UNKNOWN ATOM OR ION'
7 water water
#
_entity_poly.entity_id   1
_entity_poly.type   'polypeptide(L)'
_entity_poly.pdbx_seq_one_letter_code
;GTQSKPTPVKPNYALKFTLAGHTKAVSSVKFSPNGEWLASSSADKLIKIWGAYDGKFEKTISGHKLGISDVAWSSDSNLL
VSASDDKTLKIWDVSSGKCLKTLKGHSNYVFCCNFNPQSNLIVSGSFDESVRIWDVKTGKCLKTLPAHSDPVSAVHFNRD
GSLIVSSSYDGLCRIWDTASGQCLKTLIDDDNPPVSFVKFSPNGKYILAATLDNTLKLWDYSKGKCLKTYTGHKNEKYCI
FANFSVTGGKWIVSGSEDNLVYIWNLQTKEIVQKLQGHTDVVISTACHPTENIIASAALENDKTIKLWKSDC
;
_entity_poly.pdbx_strand_id   A,B
#
loop_
_chem_comp.id
_chem_comp.type
_chem_comp.name
_chem_comp.formula
5ML non-polymer 3-methyl-~{N}-[2-(4-methylpiperazin-1-yl)-5-quinolin-3-yl-phenyl]benzamide 'C28 H28 N4 O'
CL non-polymer 'CHLORIDE ION' 'Cl -1'
EDO non-polymer 1,2-ETHANEDIOL 'C2 H6 O2'
GOL non-polymer GLYCEROL 'C3 H8 O3'
UNX non-polymer 'UNKNOWN ATOM OR ION' ?
#
# COMPACT_ATOMS: atom_id res chain seq x y z
N VAL A 9 -10.05 -12.37 41.47
CA VAL A 9 -9.42 -13.60 40.90
C VAL A 9 -8.23 -13.19 40.02
N LYS A 10 -7.04 -13.66 40.40
CA LYS A 10 -5.81 -13.33 39.69
C LYS A 10 -5.06 -14.62 39.31
N PRO A 11 -4.40 -14.64 38.13
CA PRO A 11 -3.57 -15.81 37.82
C PRO A 11 -2.29 -15.79 38.65
N ASN A 12 -1.56 -16.91 38.66
CA ASN A 12 -0.26 -16.99 39.33
C ASN A 12 0.79 -17.63 38.42
N TYR A 13 0.93 -17.10 37.21
CA TYR A 13 1.94 -17.58 36.27
C TYR A 13 3.33 -17.50 36.91
N ALA A 14 4.04 -18.62 36.85
CA ALA A 14 5.41 -18.75 37.37
C ALA A 14 6.24 -19.34 36.25
N LEU A 15 7.51 -18.90 36.16
CA LEU A 15 8.46 -19.35 35.16
C LEU A 15 8.72 -20.84 35.32
N LYS A 16 8.61 -21.54 34.19
CA LYS A 16 8.84 -22.98 34.12
C LYS A 16 10.12 -23.30 33.37
N PHE A 17 10.29 -22.70 32.19
CA PHE A 17 11.45 -22.92 31.32
C PHE A 17 11.91 -21.65 30.63
N THR A 18 13.22 -21.57 30.39
CA THR A 18 13.82 -20.57 29.50
C THR A 18 14.47 -21.34 28.37
N LEU A 19 14.02 -21.07 27.15
CA LEU A 19 14.48 -21.78 25.98
C LEU A 19 15.49 -20.94 25.19
N ALA A 20 16.75 -21.34 25.30
CA ALA A 20 17.88 -20.71 24.61
C ALA A 20 18.22 -21.50 23.36
N GLY A 21 18.60 -20.79 22.30
CA GLY A 21 18.99 -21.42 21.04
C GLY A 21 19.03 -20.48 19.87
N HIS A 22 18.05 -19.58 19.80
CA HIS A 22 18.07 -18.55 18.76
C HIS A 22 19.24 -17.61 19.00
N THR A 23 19.90 -17.21 17.91
CA THR A 23 21.14 -16.44 18.01
C THR A 23 20.90 -14.95 17.72
N LYS A 24 19.67 -14.61 17.36
CA LYS A 24 19.23 -13.24 17.11
C LYS A 24 17.82 -13.07 17.70
N ALA A 25 17.28 -11.85 17.59
CA ALA A 25 15.95 -11.51 18.08
C ALA A 25 14.90 -12.57 17.70
N VAL A 26 14.10 -13.00 18.67
CA VAL A 26 12.94 -13.88 18.41
C VAL A 26 11.74 -13.01 18.05
N SER A 27 11.02 -13.37 16.98
CA SER A 27 9.88 -12.59 16.48
C SER A 27 8.49 -13.14 16.82
N SER A 28 8.37 -14.47 16.91
CA SER A 28 7.04 -15.09 17.05
C SER A 28 7.14 -16.45 17.68
N VAL A 29 6.23 -16.73 18.61
CA VAL A 29 6.05 -18.04 19.20
C VAL A 29 4.58 -18.45 19.07
N LYS A 30 4.34 -19.69 18.64
CA LYS A 30 2.98 -20.20 18.51
C LYS A 30 2.88 -21.64 18.99
N PHE A 31 1.86 -21.93 19.80
CA PHE A 31 1.55 -23.30 20.20
C PHE A 31 0.81 -24.02 19.08
N SER A 32 1.17 -25.27 18.84
CA SER A 32 0.43 -26.08 17.88
C SER A 32 -1.03 -26.23 18.36
N PRO A 33 -2.00 -26.32 17.41
CA PRO A 33 -3.39 -26.57 17.80
C PRO A 33 -3.59 -27.78 18.73
N ASN A 34 -2.80 -28.83 18.56
CA ASN A 34 -2.90 -30.04 19.40
C ASN A 34 -2.22 -29.93 20.77
N GLY A 35 -1.63 -28.75 21.04
CA GLY A 35 -1.00 -28.46 22.32
C GLY A 35 0.39 -29.05 22.53
N GLU A 36 0.86 -29.85 21.58
CA GLU A 36 2.08 -30.63 21.71
C GLU A 36 3.36 -29.80 21.66
N TRP A 37 3.38 -28.79 20.78
CA TRP A 37 4.60 -28.11 20.36
C TRP A 37 4.50 -26.59 20.48
N LEU A 38 5.65 -25.95 20.66
CA LEU A 38 5.81 -24.52 20.42
C LEU A 38 6.73 -24.36 19.21
N ALA A 39 6.34 -23.50 18.28
CA ALA A 39 7.22 -23.10 17.19
C ALA A 39 7.67 -21.67 17.44
N SER A 40 8.94 -21.40 17.18
CA SER A 40 9.48 -20.04 17.25
C SER A 40 10.18 -19.65 15.95
N SER A 41 10.08 -18.36 15.64
CA SER A 41 10.79 -17.79 14.50
C SER A 41 11.69 -16.66 14.97
N SER A 42 12.69 -16.34 14.18
CA SER A 42 13.75 -15.42 14.58
C SER A 42 14.42 -14.68 13.41
N ALA A 43 15.03 -13.54 13.74
CA ALA A 43 15.95 -12.84 12.83
C ALA A 43 17.11 -13.72 12.36
N ASP A 44 17.42 -14.80 13.09
CA ASP A 44 18.47 -15.74 12.65
C ASP A 44 18.13 -16.64 11.45
N LYS A 45 16.94 -16.43 10.87
CA LYS A 45 16.41 -17.14 9.67
C LYS A 45 15.94 -18.58 9.98
N LEU A 46 15.88 -18.92 11.27
CA LEU A 46 15.53 -20.27 11.71
C LEU A 46 14.16 -20.37 12.34
N ILE A 47 13.53 -21.53 12.16
CA ILE A 47 12.35 -21.92 12.93
C ILE A 47 12.80 -23.01 13.88
N LYS A 48 12.45 -22.88 15.15
CA LYS A 48 12.73 -23.95 16.12
C LYS A 48 11.44 -24.49 16.73
N ILE A 49 11.44 -25.79 16.98
CA ILE A 49 10.31 -26.52 17.56
C ILE A 49 10.75 -26.99 18.94
N TRP A 50 9.85 -26.86 19.90
CA TRP A 50 10.10 -27.18 21.30
C TRP A 50 8.88 -27.90 21.87
N GLY A 51 9.11 -28.79 22.82
CA GLY A 51 8.00 -29.45 23.51
C GLY A 51 7.27 -28.45 24.39
N ALA A 52 5.95 -28.38 24.28
CA ALA A 52 5.19 -27.38 25.01
C ALA A 52 5.16 -27.58 26.52
N TYR A 53 5.35 -28.83 26.97
CA TYR A 53 5.14 -29.20 28.39
C TYR A 53 6.43 -29.37 29.18
N ASP A 54 7.50 -29.75 28.48
CA ASP A 54 8.84 -29.90 29.10
C ASP A 54 9.90 -28.93 28.52
N GLY A 55 9.50 -28.11 27.56
CA GLY A 55 10.40 -27.09 26.95
C GLY A 55 11.60 -27.65 26.19
N LYS A 56 11.57 -28.94 25.90
CA LYS A 56 12.70 -29.65 25.33
C LYS A 56 12.83 -29.31 23.84
N PHE A 57 14.03 -28.87 23.44
CA PHE A 57 14.30 -28.54 22.06
C PHE A 57 14.11 -29.76 21.17
N GLU A 58 13.33 -29.60 20.09
CA GLU A 58 13.05 -30.70 19.16
C GLU A 58 13.91 -30.63 17.89
N LYS A 59 13.71 -29.60 17.06
CA LYS A 59 14.45 -29.48 15.81
C LYS A 59 14.55 -28.04 15.33
N THR A 60 15.52 -27.83 14.45
CA THR A 60 15.71 -26.58 13.74
C THR A 60 15.26 -26.74 12.31
N ILE A 61 14.44 -25.79 11.85
CA ILE A 61 13.93 -25.76 10.47
C ILE A 61 14.54 -24.54 9.76
N SER A 62 15.17 -24.78 8.62
CA SER A 62 15.92 -23.74 7.89
C SER A 62 15.61 -23.73 6.40
N GLY A 63 15.80 -22.56 5.79
CA GLY A 63 15.63 -22.39 4.35
C GLY A 63 15.41 -20.94 3.94
N HIS A 64 14.79 -20.13 4.80
CA HIS A 64 14.60 -18.71 4.48
C HIS A 64 15.94 -18.02 4.32
N LYS A 65 16.01 -17.06 3.39
CA LYS A 65 17.28 -16.39 3.10
C LYS A 65 17.53 -15.17 3.97
N LEU A 66 16.48 -14.73 4.66
CA LEU A 66 16.53 -13.55 5.52
C LEU A 66 15.71 -13.82 6.76
N GLY A 67 15.68 -12.85 7.68
CA GLY A 67 14.94 -12.97 8.95
C GLY A 67 13.48 -13.35 8.75
N ILE A 68 12.90 -13.97 9.79
CA ILE A 68 11.49 -14.46 9.79
C ILE A 68 10.70 -13.69 10.86
N SER A 69 9.62 -13.04 10.44
CA SER A 69 8.77 -12.23 11.35
C SER A 69 7.66 -13.02 12.00
N ASP A 70 7.22 -14.10 11.35
CA ASP A 70 6.05 -14.85 11.85
C ASP A 70 6.02 -16.31 11.41
N VAL A 71 5.32 -17.13 12.20
N VAL A 71 5.37 -17.13 12.23
CA VAL A 71 5.09 -18.52 11.89
CA VAL A 71 5.04 -18.50 11.88
C VAL A 71 3.70 -18.90 12.42
C VAL A 71 3.60 -18.74 12.26
N ALA A 72 3.01 -19.79 11.70
CA ALA A 72 1.65 -20.22 12.08
C ALA A 72 1.49 -21.69 11.73
N TRP A 73 0.63 -22.37 12.49
CA TRP A 73 0.39 -23.81 12.33
C TRP A 73 -0.90 -24.10 11.58
N SER A 74 -0.90 -25.18 10.79
CA SER A 74 -2.15 -25.71 10.25
C SER A 74 -2.98 -26.35 11.37
N SER A 75 -4.27 -26.49 11.11
CA SER A 75 -5.25 -27.10 12.03
C SER A 75 -4.86 -28.48 12.55
N ASP A 76 -4.11 -29.24 11.74
CA ASP A 76 -3.72 -30.60 12.12
C ASP A 76 -2.34 -30.71 12.77
N SER A 77 -1.73 -29.56 13.09
CA SER A 77 -0.42 -29.48 13.76
C SER A 77 0.71 -30.13 12.97
N ASN A 78 0.48 -30.35 11.67
CA ASN A 78 1.43 -31.03 10.78
C ASN A 78 2.19 -30.06 9.86
N LEU A 79 1.58 -28.92 9.57
CA LEU A 79 2.23 -27.95 8.70
C LEU A 79 2.44 -26.63 9.42
N LEU A 80 3.48 -25.93 8.98
CA LEU A 80 3.77 -24.57 9.41
C LEU A 80 3.93 -23.69 8.18
N VAL A 81 3.57 -22.42 8.33
CA VAL A 81 3.87 -21.41 7.32
C VAL A 81 4.69 -20.32 8.02
N SER A 82 5.65 -19.76 7.29
CA SER A 82 6.52 -18.73 7.84
C SER A 82 6.51 -17.51 6.93
N ALA A 83 6.70 -16.32 7.51
CA ALA A 83 6.69 -15.08 6.75
C ALA A 83 8.05 -14.40 6.91
N SER A 84 8.74 -14.15 5.80
CA SER A 84 10.12 -13.65 5.87
C SER A 84 10.42 -12.31 5.15
N ASP A 85 11.50 -11.67 5.60
CA ASP A 85 12.07 -10.48 4.90
C ASP A 85 12.54 -10.77 3.48
N ASP A 86 12.74 -12.05 3.17
CA ASP A 86 13.17 -12.48 1.84
C ASP A 86 12.00 -12.40 0.84
N LYS A 87 10.89 -11.82 1.29
CA LYS A 87 9.67 -11.53 0.49
C LYS A 87 8.84 -12.79 0.18
N THR A 88 9.18 -13.91 0.80
CA THR A 88 8.44 -15.15 0.62
C THR A 88 7.78 -15.63 1.90
N LEU A 89 6.79 -16.49 1.73
CA LEU A 89 6.34 -17.38 2.80
C LEU A 89 6.80 -18.78 2.41
N LYS A 90 7.02 -19.66 3.39
CA LYS A 90 7.31 -21.05 3.08
C LYS A 90 6.36 -21.95 3.86
N ILE A 91 5.92 -23.03 3.23
CA ILE A 91 5.10 -24.04 3.91
C ILE A 91 6.02 -25.20 4.22
N TRP A 92 6.03 -25.63 5.49
CA TRP A 92 6.94 -26.67 5.95
C TRP A 92 6.21 -27.88 6.48
N ASP A 93 6.79 -29.05 6.24
CA ASP A 93 6.34 -30.28 6.89
C ASP A 93 7.04 -30.36 8.23
N VAL A 94 6.28 -30.26 9.32
CA VAL A 94 6.87 -30.25 10.67
C VAL A 94 7.72 -31.50 10.97
N SER A 95 7.20 -32.69 10.63
CA SER A 95 7.88 -33.95 10.97
C SER A 95 9.22 -34.14 10.22
N SER A 96 9.26 -33.74 8.94
CA SER A 96 10.49 -33.88 8.14
C SER A 96 11.40 -32.64 8.15
N GLY A 97 10.83 -31.48 8.44
CA GLY A 97 11.57 -30.21 8.42
C GLY A 97 11.72 -29.63 7.02
N LYS A 98 11.16 -30.31 6.03
CA LYS A 98 11.32 -29.94 4.64
C LYS A 98 10.40 -28.80 4.22
N CYS A 99 10.92 -27.91 3.37
CA CYS A 99 10.13 -26.87 2.73
C CYS A 99 9.32 -27.47 1.60
N LEU A 100 7.99 -27.40 1.72
CA LEU A 100 7.06 -27.97 0.74
C LEU A 100 6.71 -27.03 -0.40
N LYS A 101 6.45 -25.76 -0.07
CA LYS A 101 6.17 -24.74 -1.07
C LYS A 101 6.84 -23.45 -0.64
N THR A 102 7.28 -22.67 -1.64
CA THR A 102 7.69 -21.28 -1.47
C THR A 102 6.66 -20.37 -2.15
N LEU A 103 6.05 -19.50 -1.34
CA LEU A 103 4.97 -18.64 -1.80
C LEU A 103 5.53 -17.29 -2.19
N LYS A 104 5.57 -17.04 -3.51
CA LYS A 104 6.16 -15.84 -4.08
C LYS A 104 5.08 -14.97 -4.69
N GLY A 105 5.20 -13.66 -4.49
CA GLY A 105 4.20 -12.71 -4.99
C GLY A 105 4.29 -11.35 -4.34
N HIS A 106 4.53 -11.32 -3.02
CA HIS A 106 4.78 -10.05 -2.35
C HIS A 106 6.03 -9.36 -2.93
N SER A 107 5.98 -8.04 -2.99
CA SER A 107 7.05 -7.24 -3.58
C SER A 107 8.02 -6.73 -2.50
N ASN A 108 7.75 -7.10 -1.24
CA ASN A 108 8.63 -6.72 -0.12
C ASN A 108 8.41 -7.63 1.10
N TYR A 109 9.06 -7.29 2.22
CA TYR A 109 9.05 -8.11 3.44
C TYR A 109 7.64 -8.58 3.80
N VAL A 110 7.53 -9.85 4.15
CA VAL A 110 6.29 -10.44 4.62
C VAL A 110 6.42 -10.50 6.13
N PHE A 111 5.43 -9.93 6.81
CA PHE A 111 5.47 -9.73 8.27
C PHE A 111 4.56 -10.64 9.08
N CYS A 112 3.50 -11.16 8.45
CA CYS A 112 2.50 -11.91 9.19
C CYS A 112 1.81 -12.94 8.32
N CYS A 113 1.36 -14.03 8.95
CA CYS A 113 0.77 -15.16 8.23
C CYS A 113 -0.14 -16.01 9.11
N ASN A 114 -1.09 -16.69 8.45
CA ASN A 114 -2.00 -17.61 9.16
C ASN A 114 -2.66 -18.58 8.20
N PHE A 115 -2.87 -19.82 8.65
CA PHE A 115 -3.80 -20.76 7.98
C PHE A 115 -5.24 -20.40 8.36
N ASN A 116 -6.20 -20.66 7.47
CA ASN A 116 -7.60 -20.69 7.88
C ASN A 116 -7.88 -21.95 8.71
N PRO A 117 -8.98 -21.99 9.49
CA PRO A 117 -9.23 -23.18 10.33
C PRO A 117 -9.28 -24.50 9.54
N GLN A 118 -9.89 -24.47 8.37
CA GLN A 118 -9.93 -25.63 7.46
C GLN A 118 -8.54 -25.98 6.91
N SER A 119 -7.64 -24.99 6.96
CA SER A 119 -6.20 -25.13 6.64
C SER A 119 -5.94 -25.46 5.17
N ASN A 120 -6.86 -25.02 4.32
CA ASN A 120 -6.63 -25.03 2.87
C ASN A 120 -6.21 -23.66 2.31
N LEU A 121 -6.33 -22.61 3.12
CA LEU A 121 -5.84 -21.28 2.71
C LEU A 121 -4.78 -20.73 3.68
N ILE A 122 -3.96 -19.84 3.15
CA ILE A 122 -3.02 -19.05 3.95
C ILE A 122 -3.29 -17.59 3.62
N VAL A 123 -3.31 -16.75 4.64
CA VAL A 123 -3.38 -15.31 4.47
C VAL A 123 -2.03 -14.71 4.92
N SER A 124 -1.55 -13.72 4.17
CA SER A 124 -0.31 -13.02 4.54
C SER A 124 -0.46 -11.51 4.46
N GLY A 125 0.33 -10.78 5.25
CA GLY A 125 0.41 -9.31 5.18
C GLY A 125 1.86 -8.86 5.01
N SER A 126 2.07 -7.79 4.26
CA SER A 126 3.41 -7.39 3.86
C SER A 126 3.65 -5.89 3.99
N PHE A 127 4.93 -5.52 4.07
CA PHE A 127 5.42 -4.16 3.88
C PHE A 127 4.83 -3.53 2.59
N ASP A 128 4.64 -4.36 1.56
CA ASP A 128 4.07 -3.91 0.26
C ASP A 128 2.61 -3.43 0.35
N GLU A 129 2.04 -3.40 1.56
CA GLU A 129 0.72 -2.80 1.84
C GLU A 129 -0.47 -3.70 1.40
N SER A 130 -0.16 -4.92 0.97
CA SER A 130 -1.19 -5.85 0.49
C SER A 130 -1.41 -7.00 1.46
N VAL A 131 -2.61 -7.58 1.35
CA VAL A 131 -2.92 -8.84 1.97
C VAL A 131 -3.07 -9.86 0.81
N ARG A 132 -2.38 -10.99 0.90
CA ARG A 132 -2.53 -12.09 -0.09
C ARG A 132 -3.18 -13.35 0.49
N ILE A 133 -3.95 -14.03 -0.35
CA ILE A 133 -4.63 -15.28 0.06
C ILE A 133 -4.13 -16.35 -0.89
N TRP A 134 -3.54 -17.40 -0.30
CA TRP A 134 -2.82 -18.45 -1.04
C TRP A 134 -3.49 -19.82 -0.91
N ASP A 135 -3.43 -20.60 -1.99
CA ASP A 135 -3.83 -22.01 -1.96
C ASP A 135 -2.74 -22.86 -1.34
N VAL A 136 -3.06 -23.58 -0.26
CA VAL A 136 -2.10 -24.39 0.48
C VAL A 136 -1.53 -25.52 -0.36
N LYS A 137 -2.42 -26.21 -1.09
CA LYS A 137 -2.07 -27.40 -1.87
C LYS A 137 -1.13 -27.10 -3.04
N THR A 138 -1.42 -26.04 -3.80
CA THR A 138 -0.60 -25.71 -4.98
C THR A 138 0.45 -24.64 -4.71
N GLY A 139 0.27 -23.90 -3.62
CA GLY A 139 1.11 -22.73 -3.37
C GLY A 139 0.81 -21.50 -4.20
N LYS A 140 -0.24 -21.52 -5.04
CA LYS A 140 -0.53 -20.35 -5.88
C LYS A 140 -1.25 -19.22 -5.12
N CYS A 141 -0.96 -17.99 -5.49
CA CYS A 141 -1.65 -16.84 -4.93
C CYS A 141 -3.05 -16.76 -5.56
N LEU A 142 -4.09 -16.87 -4.74
CA LEU A 142 -5.48 -16.81 -5.23
C LEU A 142 -6.05 -15.39 -5.35
N LYS A 143 -5.74 -14.53 -4.38
CA LYS A 143 -6.17 -13.14 -4.38
C LYS A 143 -5.10 -12.22 -3.80
N THR A 144 -5.06 -11.00 -4.31
CA THR A 144 -4.23 -9.91 -3.77
C THR A 144 -5.17 -8.78 -3.44
N LEU A 145 -5.32 -8.50 -2.15
CA LEU A 145 -6.20 -7.44 -1.68
C LEU A 145 -5.41 -6.14 -1.53
N PRO A 146 -5.89 -5.05 -2.18
CA PRO A 146 -5.28 -3.73 -1.99
C PRO A 146 -5.72 -3.23 -0.61
N ALA A 147 -5.16 -3.86 0.42
CA ALA A 147 -5.74 -3.83 1.75
C ALA A 147 -5.57 -2.50 2.47
N HIS A 148 -4.41 -1.90 2.30
CA HIS A 148 -3.94 -0.81 3.16
C HIS A 148 -3.00 0.15 2.40
N SER A 149 -2.65 1.27 3.03
CA SER A 149 -1.76 2.24 2.42
C SER A 149 -0.48 2.43 3.23
N ASP A 150 -0.14 1.39 4.00
CA ASP A 150 1.11 1.30 4.75
C ASP A 150 1.34 -0.18 5.10
N PRO A 151 2.57 -0.54 5.57
CA PRO A 151 2.79 -1.94 5.94
C PRO A 151 1.68 -2.60 6.77
N VAL A 152 1.35 -3.83 6.41
CA VAL A 152 0.38 -4.63 7.13
C VAL A 152 1.05 -5.35 8.29
N SER A 153 0.54 -5.13 9.50
CA SER A 153 1.16 -5.66 10.73
C SER A 153 0.65 -7.03 11.17
N ALA A 154 -0.63 -7.32 10.89
CA ALA A 154 -1.23 -8.60 11.32
C ALA A 154 -2.34 -9.02 10.36
N VAL A 155 -2.55 -10.33 10.23
CA VAL A 155 -3.64 -10.93 9.44
C VAL A 155 -4.15 -12.17 10.19
N HIS A 156 -5.48 -12.36 10.25
CA HIS A 156 -6.07 -13.47 11.03
C HIS A 156 -7.43 -13.84 10.46
N PHE A 157 -7.68 -15.14 10.35
CA PHE A 157 -9.01 -15.64 10.00
C PHE A 157 -9.88 -15.78 11.24
N ASN A 158 -11.18 -15.56 11.06
CA ASN A 158 -12.15 -15.90 12.09
C ASN A 158 -12.40 -17.41 12.18
N ARG A 159 -13.31 -17.81 13.07
CA ARG A 159 -13.44 -19.20 13.48
C ARG A 159 -13.80 -20.17 12.34
N ASP A 160 -14.64 -19.71 11.40
CA ASP A 160 -14.99 -20.54 10.24
C ASP A 160 -14.21 -20.21 8.95
N GLY A 161 -13.22 -19.32 9.07
CA GLY A 161 -12.46 -18.86 7.89
C GLY A 161 -13.20 -17.94 6.91
N SER A 162 -14.43 -17.56 7.22
CA SER A 162 -15.23 -16.73 6.29
C SER A 162 -14.81 -15.26 6.29
N LEU A 163 -14.14 -14.82 7.36
CA LEU A 163 -13.58 -13.45 7.43
C LEU A 163 -12.09 -13.42 7.69
N ILE A 164 -11.46 -12.36 7.21
CA ILE A 164 -10.09 -12.00 7.56
C ILE A 164 -10.12 -10.62 8.25
N VAL A 165 -9.37 -10.50 9.34
CA VAL A 165 -9.05 -9.17 9.87
C VAL A 165 -7.59 -8.80 9.56
N SER A 166 -7.35 -7.55 9.16
CA SER A 166 -6.00 -7.04 8.93
C SER A 166 -5.80 -5.72 9.68
N SER A 167 -4.57 -5.43 10.05
CA SER A 167 -4.19 -4.16 10.68
C SER A 167 -2.97 -3.57 9.94
N SER A 168 -2.85 -2.26 9.96
CA SER A 168 -1.77 -1.60 9.24
C SER A 168 -1.28 -0.34 9.93
N TYR A 169 -0.06 0.06 9.58
CA TYR A 169 0.48 1.35 9.99
C TYR A 169 -0.31 2.54 9.42
N ASP A 170 -1.23 2.31 8.47
CA ASP A 170 -2.11 3.38 7.97
C ASP A 170 -3.17 3.81 9.00
N GLY A 171 -3.25 3.09 10.11
CA GLY A 171 -4.14 3.43 11.23
C GLY A 171 -5.47 2.71 11.20
N LEU A 172 -5.64 1.78 10.27
CA LEU A 172 -6.92 1.10 10.12
C LEU A 172 -6.86 -0.37 10.45
N CYS A 173 -8.02 -0.88 10.82
N CYS A 173 -7.99 -0.87 10.95
CA CYS A 173 -8.26 -2.30 10.94
CA CYS A 173 -8.31 -2.29 10.89
C CYS A 173 -9.43 -2.65 10.02
C CYS A 173 -9.34 -2.46 9.80
N ARG A 174 -9.19 -3.54 9.04
CA ARG A 174 -10.18 -3.91 8.04
C ARG A 174 -10.63 -5.36 8.17
N ILE A 175 -11.91 -5.57 7.86
CA ILE A 175 -12.47 -6.92 7.85
CA ILE A 175 -12.55 -6.89 7.86
C ILE A 175 -12.90 -7.23 6.43
N TRP A 176 -12.42 -8.38 5.95
CA TRP A 176 -12.57 -8.84 4.57
C TRP A 176 -13.40 -10.11 4.49
N ASP A 177 -14.24 -10.19 3.45
CA ASP A 177 -14.91 -11.41 3.07
C ASP A 177 -13.89 -12.30 2.34
N THR A 178 -13.56 -13.46 2.93
CA THR A 178 -12.56 -14.37 2.37
C THR A 178 -12.91 -14.78 0.92
N ALA A 179 -14.14 -15.25 0.72
CA ALA A 179 -14.56 -15.73 -0.60
C ALA A 179 -14.41 -14.71 -1.72
N SER A 180 -14.95 -13.50 -1.51
CA SER A 180 -14.96 -12.47 -2.57
C SER A 180 -13.77 -11.50 -2.52
N GLY A 181 -13.07 -11.44 -1.38
CA GLY A 181 -12.02 -10.44 -1.19
C GLY A 181 -12.51 -9.01 -0.95
N GLN A 182 -13.81 -8.84 -0.72
CA GLN A 182 -14.42 -7.50 -0.49
C GLN A 182 -14.27 -7.05 0.98
N CYS A 183 -14.00 -5.76 1.17
CA CYS A 183 -13.91 -5.18 2.51
C CYS A 183 -15.33 -4.97 3.00
N LEU A 184 -15.63 -5.52 4.18
CA LEU A 184 -16.95 -5.42 4.80
C LEU A 184 -17.01 -4.33 5.87
N LYS A 185 -15.86 -4.02 6.47
CA LYS A 185 -15.82 -3.07 7.58
C LYS A 185 -14.42 -2.49 7.72
N THR A 186 -14.36 -1.18 7.95
CA THR A 186 -13.16 -0.46 8.32
C THR A 186 -13.39 0.17 9.72
N LEU A 187 -12.48 -0.12 10.64
CA LEU A 187 -12.43 0.57 11.93
C LEU A 187 -11.45 1.72 11.81
N ILE A 188 -11.95 2.93 12.00
CA ILE A 188 -11.15 4.15 11.90
C ILE A 188 -11.15 4.88 13.23
N ASP A 189 -10.00 5.45 13.55
CA ASP A 189 -9.85 6.29 14.73
C ASP A 189 -9.50 7.69 14.26
N ASP A 190 -10.00 8.69 14.99
CA ASP A 190 -9.81 10.11 14.66
C ASP A 190 -8.33 10.52 14.55
N ASP A 191 -7.50 9.99 15.44
CA ASP A 191 -6.04 10.25 15.45
C ASP A 191 -5.25 9.25 14.60
N ASN A 192 -5.89 8.13 14.25
CA ASN A 192 -5.30 6.97 13.55
C ASN A 192 -3.82 6.62 13.86
N PRO A 193 -3.53 6.25 15.14
CA PRO A 193 -2.19 5.72 15.39
C PRO A 193 -1.99 4.38 14.66
N PRO A 194 -0.73 4.03 14.25
CA PRO A 194 -0.48 2.74 13.59
C PRO A 194 -1.12 1.59 14.38
N VAL A 195 -1.82 0.70 13.69
CA VAL A 195 -2.38 -0.50 14.31
C VAL A 195 -1.34 -1.61 14.11
N SER A 196 -0.76 -2.05 15.21
CA SER A 196 0.41 -2.93 15.20
C SER A 196 0.07 -4.41 15.37
N PHE A 197 -1.18 -4.67 15.72
CA PHE A 197 -1.63 -6.04 15.98
C PHE A 197 -3.14 -6.09 15.89
N VAL A 198 -3.66 -7.19 15.31
CA VAL A 198 -5.08 -7.51 15.38
C VAL A 198 -5.29 -9.04 15.39
N LYS A 199 -6.34 -9.47 16.08
CA LYS A 199 -6.79 -10.87 16.12
C LYS A 199 -8.27 -10.95 16.50
N PHE A 200 -9.00 -11.88 15.88
CA PHE A 200 -10.36 -12.23 16.35
C PHE A 200 -10.33 -12.93 17.69
N SER A 201 -11.40 -12.76 18.48
CA SER A 201 -11.66 -13.60 19.67
C SER A 201 -11.89 -15.06 19.24
N PRO A 202 -11.74 -16.04 20.17
CA PRO A 202 -11.92 -17.45 19.79
C PRO A 202 -13.25 -17.74 19.10
N ASN A 203 -14.32 -17.11 19.58
CA ASN A 203 -15.65 -17.25 18.97
C ASN A 203 -15.87 -16.37 17.73
N GLY A 204 -14.93 -15.45 17.47
CA GLY A 204 -14.97 -14.62 16.25
C GLY A 204 -15.84 -13.38 16.30
N LYS A 205 -16.49 -13.16 17.43
CA LYS A 205 -17.44 -12.06 17.58
C LYS A 205 -16.74 -10.72 17.84
N TYR A 206 -15.53 -10.79 18.40
CA TYR A 206 -14.77 -9.60 18.79
C TYR A 206 -13.41 -9.55 18.10
N ILE A 207 -12.85 -8.34 18.05
CA ILE A 207 -11.48 -8.14 17.61
C ILE A 207 -10.66 -7.43 18.68
N LEU A 208 -9.46 -7.95 18.93
CA LEU A 208 -8.48 -7.30 19.80
C LEU A 208 -7.42 -6.62 18.93
N ALA A 209 -7.21 -5.33 19.14
CA ALA A 209 -6.30 -4.54 18.32
C ALA A 209 -5.34 -3.73 19.17
N ALA A 210 -4.05 -3.78 18.83
CA ALA A 210 -3.04 -2.90 19.47
C ALA A 210 -2.75 -1.69 18.57
N THR A 211 -2.58 -0.53 19.21
CA THR A 211 -2.11 0.68 18.54
C THR A 211 -0.81 1.17 19.20
N LEU A 212 0.04 1.86 18.44
CA LEU A 212 1.36 2.27 18.94
C LEU A 212 1.32 3.56 19.78
N ASP A 213 0.28 3.64 20.62
CA ASP A 213 0.10 4.68 21.63
C ASP A 213 -0.15 3.99 22.99
N ASN A 214 0.53 2.84 23.19
CA ASN A 214 0.47 2.09 24.46
C ASN A 214 -0.95 1.58 24.83
N THR A 215 -1.71 1.12 23.82
CA THR A 215 -3.13 0.79 24.01
C THR A 215 -3.58 -0.47 23.27
N LEU A 216 -4.25 -1.36 24.00
CA LEU A 216 -5.01 -2.48 23.42
C LEU A 216 -6.51 -2.17 23.51
N LYS A 217 -7.24 -2.47 22.42
CA LYS A 217 -8.70 -2.27 22.40
C LYS A 217 -9.46 -3.52 21.98
N LEU A 218 -10.56 -3.82 22.68
CA LEU A 218 -11.49 -4.87 22.28
C LEU A 218 -12.67 -4.23 21.56
N TRP A 219 -12.84 -4.60 20.30
CA TRP A 219 -13.89 -4.05 19.45
C TRP A 219 -15.00 -5.07 19.23
N ASP A 220 -16.25 -4.62 19.36
CA ASP A 220 -17.37 -5.40 18.87
C ASP A 220 -17.29 -5.26 17.37
N TYR A 221 -16.94 -6.36 16.71
CA TYR A 221 -16.89 -6.40 15.26
C TYR A 221 -18.31 -6.14 14.68
N SER A 222 -19.28 -6.98 15.08
CA SER A 222 -20.68 -6.87 14.59
C SER A 222 -21.28 -5.44 14.59
N LYS A 223 -20.93 -4.64 15.61
CA LYS A 223 -21.46 -3.28 15.79
C LYS A 223 -20.49 -2.13 15.48
N GLY A 224 -19.19 -2.41 15.40
CA GLY A 224 -18.16 -1.38 15.16
C GLY A 224 -17.90 -0.46 16.35
N LYS A 225 -17.97 -1.02 17.56
CA LYS A 225 -17.89 -0.28 18.82
C LYS A 225 -16.77 -0.82 19.72
N CYS A 226 -15.96 0.09 20.27
CA CYS A 226 -14.94 -0.29 21.25
C CYS A 226 -15.59 -0.59 22.59
N LEU A 227 -15.40 -1.81 23.09
CA LEU A 227 -16.01 -2.25 24.35
C LEU A 227 -15.06 -2.14 25.53
N LYS A 228 -13.77 -2.35 25.28
CA LYS A 228 -12.75 -2.29 26.34
C LYS A 228 -11.48 -1.66 25.82
N THR A 229 -10.75 -1.06 26.76
CA THR A 229 -9.40 -0.57 26.53
C THR A 229 -8.50 -1.23 27.59
N TYR A 230 -7.26 -1.59 27.24
CA TYR A 230 -6.28 -2.12 28.20
C TYR A 230 -4.98 -1.31 28.10
N THR A 231 -4.54 -0.77 29.24
CA THR A 231 -3.35 0.09 29.29
C THR A 231 -2.47 -0.24 30.48
N GLY A 232 -1.33 0.46 30.59
CA GLY A 232 -0.37 0.23 31.65
C GLY A 232 0.98 -0.24 31.14
N HIS A 233 0.97 -0.95 30.00
CA HIS A 233 2.17 -1.40 29.32
C HIS A 233 2.77 -0.29 28.42
N LYS A 234 3.96 -0.56 27.87
N LYS A 234 3.94 -0.57 27.86
CA LYS A 234 4.64 0.32 26.93
CA LYS A 234 4.60 0.35 26.93
C LYS A 234 4.62 -0.33 25.53
C LYS A 234 4.68 -0.28 25.53
N ASN A 235 4.05 0.37 24.56
CA ASN A 235 4.03 -0.10 23.16
C ASN A 235 3.89 1.06 22.18
N GLU A 236 5.03 1.58 21.74
CA GLU A 236 5.06 2.71 20.81
C GLU A 236 5.99 2.47 19.63
N LYS A 237 6.65 1.31 19.58
CA LYS A 237 7.57 1.05 18.47
C LYS A 237 7.35 -0.29 17.79
N TYR A 238 7.23 -1.35 18.58
CA TYR A 238 7.26 -2.71 18.02
C TYR A 238 5.87 -3.30 17.82
N CYS A 239 5.73 -4.17 16.82
CA CYS A 239 4.49 -4.86 16.58
C CYS A 239 4.44 -6.05 17.54
N ILE A 240 3.84 -5.79 18.70
CA ILE A 240 3.77 -6.75 19.79
C ILE A 240 2.45 -7.52 19.72
N PHE A 241 2.60 -8.84 19.74
CA PHE A 241 1.49 -9.77 19.62
C PHE A 241 0.79 -9.93 20.97
N ALA A 242 -0.53 -9.91 20.92
CA ALA A 242 -1.38 -10.05 22.12
C ALA A 242 -2.38 -11.20 21.98
N ASN A 243 -2.98 -11.63 23.09
CA ASN A 243 -3.80 -12.84 23.09
C ASN A 243 -4.98 -12.77 24.04
N PHE A 244 -6.01 -13.54 23.70
CA PHE A 244 -7.04 -13.96 24.62
C PHE A 244 -6.54 -15.23 25.29
N SER A 245 -6.64 -15.26 26.63
CA SER A 245 -6.39 -16.48 27.39
C SER A 245 -7.73 -16.95 27.93
N VAL A 246 -8.14 -18.16 27.55
CA VAL A 246 -9.50 -18.68 27.86
C VAL A 246 -9.57 -20.05 28.57
N THR A 247 -8.41 -20.62 28.87
CA THR A 247 -8.34 -21.95 29.52
C THR A 247 -8.68 -21.95 31.02
N GLY A 248 -8.40 -20.84 31.70
CA GLY A 248 -8.75 -20.64 33.12
C GLY A 248 -9.63 -19.42 33.24
N GLY A 249 -9.12 -18.40 33.92
CA GLY A 249 -9.73 -17.07 33.92
C GLY A 249 -9.71 -16.44 32.53
N LYS A 250 -10.57 -15.44 32.31
CA LYS A 250 -10.66 -14.80 31.02
C LYS A 250 -9.76 -13.55 31.00
N TRP A 251 -8.59 -13.72 30.41
CA TRP A 251 -7.55 -12.68 30.42
C TRP A 251 -7.22 -12.14 29.04
N ILE A 252 -6.60 -10.96 29.05
CA ILE A 252 -5.86 -10.42 27.90
C ILE A 252 -4.38 -10.50 28.27
N VAL A 253 -3.57 -10.93 27.31
CA VAL A 253 -2.14 -11.16 27.53
C VAL A 253 -1.37 -10.39 26.45
N SER A 254 -0.34 -9.64 26.84
CA SER A 254 0.51 -8.96 25.87
C SER A 254 1.96 -8.85 26.28
N GLY A 255 2.85 -8.76 25.30
CA GLY A 255 4.21 -8.28 25.58
C GLY A 255 4.22 -6.76 25.80
N SER A 256 5.41 -6.23 26.11
CA SER A 256 5.56 -4.79 26.41
C SER A 256 7.03 -4.38 26.21
N GLU A 257 7.25 -3.10 25.88
CA GLU A 257 8.60 -2.57 25.66
C GLU A 257 9.42 -2.28 26.93
N ASP A 258 8.81 -2.53 28.11
CA ASP A 258 9.52 -2.52 29.40
C ASP A 258 9.97 -3.93 29.86
N ASN A 259 9.96 -4.89 28.91
CA ASN A 259 10.46 -6.26 29.10
C ASN A 259 9.57 -7.20 29.93
N LEU A 260 8.34 -6.78 30.21
CA LEU A 260 7.36 -7.57 30.97
C LEU A 260 6.25 -8.13 30.09
N VAL A 261 5.62 -9.19 30.56
CA VAL A 261 4.37 -9.71 30.01
C VAL A 261 3.28 -9.15 30.89
N TYR A 262 2.30 -8.52 30.27
CA TYR A 262 1.15 -7.97 30.99
C TYR A 262 -0.05 -8.88 30.85
N ILE A 263 -0.77 -9.07 31.96
CA ILE A 263 -2.04 -9.82 31.96
C ILE A 263 -3.13 -8.96 32.56
N TRP A 264 -4.25 -8.84 31.84
CA TRP A 264 -5.38 -8.05 32.29
C TRP A 264 -6.59 -8.95 32.42
N ASN A 265 -7.47 -8.59 33.34
CA ASN A 265 -8.80 -9.16 33.38
C ASN A 265 -9.58 -8.59 32.19
N LEU A 266 -10.14 -9.46 31.35
CA LEU A 266 -10.80 -9.00 30.10
C LEU A 266 -11.96 -8.03 30.34
N GLN A 267 -12.78 -8.32 31.35
CA GLN A 267 -13.99 -7.54 31.61
C GLN A 267 -13.72 -6.27 32.41
N THR A 268 -12.91 -6.38 33.46
CA THR A 268 -12.63 -5.26 34.36
C THR A 268 -11.51 -4.35 33.83
N LYS A 269 -10.64 -4.91 32.99
CA LYS A 269 -9.52 -4.19 32.37
C LYS A 269 -8.36 -3.94 33.36
N GLU A 270 -8.46 -4.50 34.56
CA GLU A 270 -7.42 -4.33 35.58
C GLU A 270 -6.24 -5.23 35.27
N ILE A 271 -5.03 -4.71 35.43
CA ILE A 271 -3.81 -5.54 35.35
C ILE A 271 -3.85 -6.52 36.52
N VAL A 272 -3.71 -7.82 36.20
CA VAL A 272 -3.77 -8.87 37.22
C VAL A 272 -2.43 -9.58 37.48
N GLN A 273 -1.51 -9.44 36.52
CA GLN A 273 -0.16 -9.95 36.67
C GLN A 273 0.81 -9.34 35.69
N LYS A 274 2.02 -9.12 36.16
CA LYS A 274 3.12 -8.71 35.31
C LYS A 274 4.24 -9.72 35.48
N LEU A 275 4.68 -10.31 34.37
CA LEU A 275 5.68 -11.38 34.42
C LEU A 275 7.08 -10.84 34.13
N GLN A 276 7.95 -10.93 35.15
CA GLN A 276 9.31 -10.41 35.11
C GLN A 276 10.33 -11.49 34.77
N GLY A 277 11.36 -11.12 34.02
CA GLY A 277 12.43 -12.04 33.69
C GLY A 277 13.14 -11.77 32.38
N HIS A 278 12.39 -11.40 31.35
CA HIS A 278 13.01 -11.00 30.07
C HIS A 278 13.95 -9.80 30.18
N THR A 279 14.95 -9.75 29.30
CA THR A 279 15.94 -8.67 29.32
C THR A 279 15.89 -7.81 28.06
N ASP A 280 14.81 -7.97 27.29
CA ASP A 280 14.56 -7.13 26.14
C ASP A 280 13.05 -7.13 25.86
N VAL A 281 12.63 -6.29 24.92
CA VAL A 281 11.24 -6.12 24.52
C VAL A 281 10.62 -7.49 24.27
N VAL A 282 9.48 -7.76 24.90
CA VAL A 282 8.71 -8.98 24.70
C VAL A 282 7.79 -8.74 23.52
N ILE A 283 8.22 -9.22 22.36
CA ILE A 283 7.53 -8.89 21.11
C ILE A 283 6.41 -9.90 20.82
N SER A 284 6.53 -11.11 21.38
CA SER A 284 5.54 -12.15 21.12
C SER A 284 5.09 -12.86 22.40
N THR A 285 3.79 -13.15 22.48
CA THR A 285 3.25 -14.04 23.52
C THR A 285 2.28 -15.00 22.85
N ALA A 286 2.15 -16.20 23.42
CA ALA A 286 1.16 -17.19 22.98
C ALA A 286 0.51 -17.87 24.19
N CYS A 287 -0.76 -18.22 24.04
CA CYS A 287 -1.52 -18.90 25.10
C CYS A 287 -1.82 -20.32 24.64
N HIS A 288 -1.54 -21.30 25.51
CA HIS A 288 -1.67 -22.73 25.17
C HIS A 288 -3.16 -23.07 24.94
N PRO A 289 -3.47 -23.97 23.97
CA PRO A 289 -4.90 -24.23 23.69
C PRO A 289 -5.73 -24.84 24.82
N THR A 290 -5.10 -25.63 25.70
CA THR A 290 -5.85 -26.38 26.72
C THR A 290 -5.40 -26.16 28.16
N GLU A 291 -4.11 -25.83 28.34
CA GLU A 291 -3.54 -25.59 29.67
C GLU A 291 -3.28 -24.11 29.93
N ASN A 292 -3.21 -23.73 31.20
CA ASN A 292 -2.90 -22.34 31.56
C ASN A 292 -1.39 -22.10 31.44
N ILE A 293 -0.93 -22.01 30.18
CA ILE A 293 0.50 -21.89 29.86
C ILE A 293 0.70 -20.75 28.86
N ILE A 294 1.63 -19.86 29.19
CA ILE A 294 2.02 -18.76 28.31
C ILE A 294 3.44 -18.97 27.83
N ALA A 295 3.68 -18.75 26.54
CA ALA A 295 5.01 -18.61 25.99
C ALA A 295 5.27 -17.14 25.68
N SER A 296 6.46 -16.67 26.01
CA SER A 296 6.87 -15.29 25.68
C SER A 296 8.23 -15.24 25.04
N ALA A 297 8.46 -14.22 24.20
CA ALA A 297 9.71 -14.17 23.45
C ALA A 297 10.20 -12.74 23.22
N ALA A 298 11.51 -12.57 23.30
CA ALA A 298 12.10 -11.25 23.37
C ALA A 298 13.16 -11.01 22.31
N LEU A 299 13.55 -9.74 22.18
CA LEU A 299 14.43 -9.24 21.13
C LEU A 299 15.93 -9.44 21.44
N GLU A 300 16.80 -8.84 20.64
CA GLU A 300 18.19 -9.31 20.49
C GLU A 300 19.09 -9.30 21.74
N ASN A 301 18.74 -8.52 22.77
CA ASN A 301 19.46 -8.46 24.05
CA ASN A 301 19.51 -8.51 24.01
C ASN A 301 19.06 -9.61 24.98
N ASP A 302 18.02 -10.34 24.58
CA ASP A 302 17.50 -11.47 25.32
C ASP A 302 17.63 -12.79 24.48
N LYS A 303 16.92 -12.83 23.33
CA LYS A 303 16.92 -13.97 22.38
C LYS A 303 16.31 -15.27 22.93
N THR A 304 15.70 -15.23 24.10
CA THR A 304 15.11 -16.45 24.68
C THR A 304 13.61 -16.44 24.63
N ILE A 305 13.05 -17.64 24.77
CA ILE A 305 11.61 -17.86 24.92
C ILE A 305 11.42 -18.33 26.36
N LYS A 306 10.39 -17.83 27.02
CA LYS A 306 10.03 -18.33 28.35
C LYS A 306 8.67 -18.97 28.36
N LEU A 307 8.55 -20.04 29.17
CA LEU A 307 7.30 -20.76 29.36
C LEU A 307 6.86 -20.58 30.81
N TRP A 308 5.61 -20.19 30.98
CA TRP A 308 5.03 -19.85 32.27
C TRP A 308 3.77 -20.65 32.46
N LYS A 309 3.50 -21.04 33.71
CA LYS A 309 2.31 -21.83 34.05
C LYS A 309 1.57 -21.30 35.27
N SER A 310 0.24 -21.33 35.18
CA SER A 310 -0.66 -20.82 36.20
C SER A 310 -1.69 -21.87 36.61
N ASP A 311 -2.25 -21.71 37.81
CA ASP A 311 -3.37 -22.52 38.32
C ASP A 311 -4.73 -22.08 37.76
N CYS A 312 -4.82 -20.84 37.30
CA CYS A 312 -6.03 -20.34 36.66
C CYS A 312 -5.71 -19.30 35.59
N VAL B 9 20.16 11.82 -34.53
CA VAL B 9 19.96 12.82 -33.44
C VAL B 9 19.27 12.16 -32.24
N LYS B 10 19.98 12.10 -31.11
CA LYS B 10 19.44 11.58 -29.84
C LYS B 10 19.54 12.69 -28.77
N PRO B 11 18.63 12.71 -27.75
CA PRO B 11 18.79 13.64 -26.61
C PRO B 11 19.91 13.16 -25.68
N ASN B 12 20.36 14.01 -24.76
CA ASN B 12 21.38 13.61 -23.81
C ASN B 12 21.04 14.00 -22.37
N TYR B 13 19.81 13.66 -21.96
CA TYR B 13 19.34 13.89 -20.59
C TYR B 13 20.31 13.33 -19.56
N ALA B 14 20.68 14.20 -18.62
CA ALA B 14 21.59 13.85 -17.56
C ALA B 14 20.97 14.28 -16.26
N LEU B 15 21.20 13.48 -15.22
CA LEU B 15 20.63 13.77 -13.92
C LEU B 15 21.22 15.05 -13.34
N LYS B 16 20.34 15.98 -12.99
CA LYS B 16 20.79 17.21 -12.35
C LYS B 16 20.49 17.29 -10.86
N PHE B 17 19.27 16.93 -10.46
CA PHE B 17 18.88 16.99 -9.05
C PHE B 17 17.96 15.86 -8.68
N THR B 18 18.08 15.40 -7.43
CA THR B 18 17.15 14.45 -6.81
C THR B 18 16.45 15.14 -5.65
N LEU B 19 15.13 15.12 -5.69
CA LEU B 19 14.29 15.85 -4.74
C LEU B 19 13.70 14.87 -3.74
N ALA B 20 14.21 14.94 -2.51
CA ALA B 20 13.79 14.08 -1.41
C ALA B 20 12.96 14.88 -0.41
N GLY B 21 11.88 14.28 0.07
CA GLY B 21 11.04 14.92 1.08
C GLY B 21 9.73 14.18 1.33
N HIS B 22 9.09 13.70 0.28
CA HIS B 22 7.90 12.90 0.48
C HIS B 22 8.23 11.63 1.28
N THR B 23 7.30 11.23 2.13
CA THR B 23 7.54 10.09 3.03
C THR B 23 6.90 8.80 2.52
N LYS B 24 6.21 8.90 1.38
CA LYS B 24 5.62 7.76 0.67
C LYS B 24 5.73 7.98 -0.84
N ALA B 25 5.38 6.95 -1.62
CA ALA B 25 5.26 7.00 -3.08
C ALA B 25 4.80 8.35 -3.63
N VAL B 26 5.52 8.87 -4.63
CA VAL B 26 5.07 10.06 -5.36
C VAL B 26 4.17 9.57 -6.49
N SER B 27 3.03 10.25 -6.68
CA SER B 27 2.06 9.90 -7.71
C SER B 27 2.14 10.73 -8.99
N SER B 28 2.52 11.99 -8.88
CA SER B 28 2.45 12.90 -10.03
C SER B 28 3.37 14.08 -9.84
N VAL B 29 4.06 14.45 -10.92
CA VAL B 29 4.82 15.70 -10.98
C VAL B 29 4.39 16.52 -12.18
N LYS B 30 4.25 17.83 -11.97
CA LYS B 30 3.82 18.77 -13.00
C LYS B 30 4.63 20.07 -12.92
N PHE B 31 5.18 20.52 -14.05
CA PHE B 31 5.79 21.86 -14.14
C PHE B 31 4.71 22.95 -14.23
N SER B 32 4.95 24.08 -13.58
CA SER B 32 4.04 25.22 -13.67
C SER B 32 4.12 25.74 -15.11
N PRO B 33 2.98 26.22 -15.65
CA PRO B 33 3.03 26.81 -16.99
C PRO B 33 4.09 27.90 -17.17
N ASN B 34 4.37 28.70 -16.13
CA ASN B 34 5.46 29.69 -16.19
C ASN B 34 6.89 29.09 -16.11
N GLY B 35 6.99 27.78 -15.91
CA GLY B 35 8.27 27.09 -15.91
C GLY B 35 9.12 27.20 -14.67
N GLU B 36 8.64 27.92 -13.66
CA GLU B 36 9.44 28.22 -12.47
C GLU B 36 9.43 27.09 -11.45
N TRP B 37 8.33 26.35 -11.42
CA TRP B 37 8.05 25.42 -10.32
C TRP B 37 7.69 24.03 -10.80
N LEU B 38 7.92 23.07 -9.90
CA LEU B 38 7.40 21.72 -10.03
C LEU B 38 6.53 21.46 -8.83
N ALA B 39 5.31 20.97 -9.07
CA ALA B 39 4.43 20.48 -7.99
C ALA B 39 4.44 18.96 -7.97
N SER B 40 4.49 18.36 -6.78
CA SER B 40 4.45 16.89 -6.68
C SER B 40 3.35 16.47 -5.73
N SER B 41 2.68 15.37 -6.07
CA SER B 41 1.67 14.79 -5.17
C SER B 41 2.11 13.43 -4.69
N SER B 42 1.61 13.03 -3.52
CA SER B 42 2.07 11.80 -2.89
C SER B 42 1.02 11.00 -2.10
N ALA B 43 1.28 9.70 -1.93
CA ALA B 43 0.54 8.83 -1.00
C ALA B 43 0.63 9.32 0.44
N ASP B 44 1.61 10.20 0.72
CA ASP B 44 1.73 10.80 2.06
C ASP B 44 0.72 11.93 2.34
N LYS B 45 -0.22 12.14 1.41
CA LYS B 45 -1.34 13.11 1.52
C LYS B 45 -0.90 14.57 1.31
N LEU B 46 0.34 14.76 0.87
CA LEU B 46 0.87 16.09 0.69
C LEU B 46 1.11 16.44 -0.78
N ILE B 47 1.08 17.75 -1.03
CA ILE B 47 1.64 18.35 -2.25
C ILE B 47 2.89 19.08 -1.82
N LYS B 48 3.95 18.97 -2.62
CA LYS B 48 5.18 19.75 -2.42
C LYS B 48 5.52 20.59 -3.65
N ILE B 49 6.07 21.78 -3.41
CA ILE B 49 6.49 22.69 -4.50
C ILE B 49 7.99 22.81 -4.44
N TRP B 50 8.64 22.76 -5.61
CA TRP B 50 10.10 22.78 -5.72
C TRP B 50 10.50 23.70 -6.86
N GLY B 51 11.71 24.26 -6.79
CA GLY B 51 12.18 25.08 -7.93
C GLY B 51 12.50 24.20 -9.13
N ALA B 52 12.06 24.59 -10.31
CA ALA B 52 12.28 23.78 -11.52
C ALA B 52 13.73 23.72 -12.01
N TYR B 53 14.53 24.76 -11.66
CA TYR B 53 15.91 24.89 -12.15
C TYR B 53 16.96 24.51 -11.12
N ASP B 54 16.58 24.44 -9.84
CA ASP B 54 17.52 24.15 -8.76
C ASP B 54 17.01 23.03 -7.83
N GLY B 55 15.79 22.56 -8.06
CA GLY B 55 15.20 21.46 -7.25
C GLY B 55 14.99 21.78 -5.77
N LYS B 56 15.11 23.05 -5.39
CA LYS B 56 14.98 23.45 -3.99
C LYS B 56 13.56 23.31 -3.52
N PHE B 57 13.38 22.71 -2.35
CA PHE B 57 12.08 22.63 -1.70
C PHE B 57 11.55 24.03 -1.37
N GLU B 58 10.27 24.26 -1.68
CA GLU B 58 9.61 25.56 -1.39
C GLU B 58 8.61 25.52 -0.23
N LYS B 59 7.64 24.62 -0.34
CA LYS B 59 6.59 24.49 0.65
C LYS B 59 5.86 23.17 0.53
N THR B 60 5.14 22.84 1.60
CA THR B 60 4.26 21.69 1.66
C THR B 60 2.84 22.22 1.74
N ILE B 61 1.98 21.64 0.92
CA ILE B 61 0.57 21.97 0.92
C ILE B 61 -0.19 20.75 1.44
N SER B 62 -0.98 20.97 2.49
CA SER B 62 -1.66 19.89 3.19
C SER B 62 -3.15 20.18 3.44
N GLY B 63 -3.91 19.11 3.61
CA GLY B 63 -5.35 19.17 3.90
C GLY B 63 -6.14 17.94 3.46
N HIS B 64 -5.65 17.23 2.45
CA HIS B 64 -6.29 15.98 2.04
C HIS B 64 -6.22 14.95 3.17
N LYS B 65 -7.29 14.17 3.31
CA LYS B 65 -7.37 13.19 4.39
C LYS B 65 -6.77 11.83 4.03
N LEU B 66 -6.56 11.62 2.72
CA LEU B 66 -5.98 10.36 2.20
C LEU B 66 -5.00 10.65 1.05
N GLY B 67 -4.34 9.61 0.53
CA GLY B 67 -3.33 9.75 -0.53
C GLY B 67 -3.84 10.55 -1.75
N ILE B 68 -2.93 11.26 -2.41
CA ILE B 68 -3.26 12.10 -3.59
C ILE B 68 -2.66 11.42 -4.85
N SER B 69 -3.47 11.19 -5.90
CA SER B 69 -3.00 10.58 -7.17
C SER B 69 -2.52 11.58 -8.22
N ASP B 70 -3.00 12.82 -8.14
CA ASP B 70 -2.70 13.79 -9.22
C ASP B 70 -2.80 15.25 -8.74
N VAL B 71 -2.15 16.13 -9.48
CA VAL B 71 -2.07 17.57 -9.21
C VAL B 71 -1.94 18.22 -10.59
N ALA B 72 -2.47 19.44 -10.73
CA ALA B 72 -2.48 20.18 -12.00
C ALA B 72 -2.49 21.66 -11.70
N TRP B 73 -1.85 22.44 -12.57
CA TRP B 73 -1.78 23.89 -12.43
C TRP B 73 -2.76 24.65 -13.31
N SER B 74 -3.24 25.78 -12.79
CA SER B 74 -3.95 26.75 -13.63
C SER B 74 -2.97 27.42 -14.60
N SER B 75 -3.49 27.97 -15.70
CA SER B 75 -2.65 28.60 -16.75
C SER B 75 -1.71 29.71 -16.26
N ASP B 76 -2.19 30.51 -15.29
CA ASP B 76 -1.41 31.61 -14.70
C ASP B 76 -0.47 31.19 -13.56
N SER B 77 -0.38 29.87 -13.33
CA SER B 77 0.47 29.25 -12.30
C SER B 77 0.13 29.68 -10.85
N ASN B 78 -1.04 30.29 -10.64
CA ASN B 78 -1.48 30.75 -9.31
C ASN B 78 -2.22 29.68 -8.51
N LEU B 79 -2.87 28.78 -9.22
CA LEU B 79 -3.69 27.76 -8.57
C LEU B 79 -3.26 26.33 -8.89
N LEU B 80 -3.45 25.45 -7.93
CA LEU B 80 -3.38 24.00 -8.13
C LEU B 80 -4.72 23.35 -7.84
N VAL B 81 -4.98 22.23 -8.52
CA VAL B 81 -6.03 21.30 -8.16
C VAL B 81 -5.39 19.92 -7.93
N SER B 82 -5.86 19.21 -6.91
CA SER B 82 -5.39 17.85 -6.62
C SER B 82 -6.55 16.87 -6.57
N ALA B 83 -6.25 15.59 -6.82
CA ALA B 83 -7.23 14.50 -6.87
C ALA B 83 -6.83 13.43 -5.85
N SER B 84 -7.76 13.09 -4.96
CA SER B 84 -7.42 12.28 -3.78
C SER B 84 -8.27 11.02 -3.60
N ASP B 85 -7.69 10.03 -2.92
CA ASP B 85 -8.43 8.85 -2.41
C ASP B 85 -9.57 9.22 -1.45
N ASP B 86 -9.54 10.42 -0.90
CA ASP B 86 -10.63 10.91 -0.01
C ASP B 86 -11.91 11.32 -0.76
N LYS B 87 -11.95 11.04 -2.07
CA LYS B 87 -13.13 11.26 -2.96
C LYS B 87 -13.35 12.73 -3.36
N THR B 88 -12.45 13.62 -2.96
CA THR B 88 -12.55 15.02 -3.30
C THR B 88 -11.41 15.48 -4.20
N LEU B 89 -11.63 16.63 -4.84
CA LEU B 89 -10.54 17.42 -5.38
C LEU B 89 -10.48 18.65 -4.51
N LYS B 90 -9.29 19.22 -4.37
CA LYS B 90 -9.13 20.49 -3.70
C LYS B 90 -8.48 21.48 -4.65
N ILE B 91 -8.98 22.72 -4.63
CA ILE B 91 -8.32 23.85 -5.28
C ILE B 91 -7.52 24.65 -4.24
N TRP B 92 -6.25 24.89 -4.56
CA TRP B 92 -5.30 25.55 -3.66
C TRP B 92 -4.75 26.85 -4.22
N ASP B 93 -4.55 27.81 -3.32
CA ASP B 93 -3.76 29.00 -3.65
C ASP B 93 -2.29 28.65 -3.43
N VAL B 94 -1.49 28.70 -4.50
CA VAL B 94 -0.08 28.32 -4.45
C VAL B 94 0.71 29.24 -3.51
N SER B 95 0.50 30.54 -3.63
CA SER B 95 1.24 31.52 -2.81
C SER B 95 1.02 31.31 -1.30
N SER B 96 -0.22 31.08 -0.87
CA SER B 96 -0.54 30.91 0.57
C SER B 96 -0.55 29.45 1.05
N GLY B 97 -0.68 28.50 0.13
CA GLY B 97 -0.87 27.08 0.47
C GLY B 97 -2.30 26.75 0.91
N LYS B 98 -3.19 27.74 0.87
CA LYS B 98 -4.53 27.57 1.44
C LYS B 98 -5.50 26.85 0.51
N CYS B 99 -6.34 25.99 1.09
CA CYS B 99 -7.41 25.34 0.34
C CYS B 99 -8.52 26.33 0.12
N LEU B 100 -8.82 26.60 -1.15
CA LEU B 100 -9.84 27.57 -1.49
C LEU B 100 -11.20 26.92 -1.62
N LYS B 101 -11.21 25.73 -2.25
CA LYS B 101 -12.42 24.98 -2.53
C LYS B 101 -12.13 23.49 -2.39
N THR B 102 -13.11 22.78 -1.86
CA THR B 102 -13.13 21.32 -1.87
C THR B 102 -14.27 20.92 -2.78
N LEU B 103 -13.93 20.17 -3.83
CA LEU B 103 -14.90 19.69 -4.82
C LEU B 103 -15.40 18.29 -4.48
N LYS B 104 -16.67 18.21 -4.10
CA LYS B 104 -17.30 16.95 -3.63
C LYS B 104 -18.40 16.58 -4.59
N GLY B 105 -18.52 15.28 -4.85
CA GLY B 105 -19.46 14.81 -5.86
C GLY B 105 -19.15 13.40 -6.29
N HIS B 106 -17.87 13.08 -6.45
CA HIS B 106 -17.43 11.74 -6.82
C HIS B 106 -17.80 10.76 -5.71
N SER B 107 -18.19 9.54 -6.09
CA SER B 107 -18.60 8.53 -5.10
C SER B 107 -17.47 7.56 -4.73
N ASN B 108 -16.27 7.82 -5.24
CA ASN B 108 -15.09 7.00 -4.95
C ASN B 108 -13.79 7.78 -5.23
N TYR B 109 -12.64 7.13 -5.05
CA TYR B 109 -11.33 7.76 -5.23
C TYR B 109 -11.30 8.57 -6.52
N VAL B 110 -10.74 9.76 -6.45
CA VAL B 110 -10.49 10.59 -7.64
C VAL B 110 -9.02 10.36 -8.05
N PHE B 111 -8.80 10.07 -9.34
CA PHE B 111 -7.46 9.65 -9.80
C PHE B 111 -6.72 10.69 -10.62
N CYS B 112 -7.46 11.62 -11.23
CA CYS B 112 -6.86 12.50 -12.26
C CYS B 112 -7.64 13.81 -12.38
N CYS B 113 -6.91 14.87 -12.74
CA CYS B 113 -7.48 16.20 -12.82
C CYS B 113 -6.68 17.10 -13.74
N ASN B 114 -7.32 18.14 -14.24
CA ASN B 114 -6.71 19.14 -15.12
C ASN B 114 -7.58 20.37 -15.16
N PHE B 115 -6.93 21.54 -15.20
CA PHE B 115 -7.63 22.77 -15.58
C PHE B 115 -7.74 22.81 -17.09
N ASN B 116 -8.79 23.47 -17.60
CA ASN B 116 -8.74 23.85 -19.02
C ASN B 116 -7.80 25.06 -19.19
N PRO B 117 -7.37 25.37 -20.44
CA PRO B 117 -6.48 26.51 -20.62
C PRO B 117 -7.05 27.83 -20.09
N GLN B 118 -8.33 28.11 -20.37
CA GLN B 118 -9.02 29.28 -19.82
C GLN B 118 -8.97 29.28 -18.27
N SER B 119 -8.87 28.08 -17.70
CA SER B 119 -8.82 27.83 -16.24
C SER B 119 -10.09 28.23 -15.49
N ASN B 120 -11.21 28.29 -16.21
CA ASN B 120 -12.51 28.44 -15.55
C ASN B 120 -13.12 27.09 -15.18
N LEU B 121 -12.53 26.02 -15.71
CA LEU B 121 -13.04 24.65 -15.50
C LEU B 121 -11.95 23.69 -15.04
N ILE B 122 -12.38 22.72 -14.26
CA ILE B 122 -11.59 21.56 -13.91
C ILE B 122 -12.30 20.32 -14.42
N VAL B 123 -11.53 19.42 -15.02
CA VAL B 123 -12.02 18.09 -15.34
C VAL B 123 -11.40 17.06 -14.38
N SER B 124 -12.21 16.11 -13.92
CA SER B 124 -11.72 15.01 -13.09
C SER B 124 -12.19 13.65 -13.58
N GLY B 125 -11.42 12.61 -13.26
CA GLY B 125 -11.77 11.21 -13.50
C GLY B 125 -11.61 10.41 -12.23
N SER B 126 -12.42 9.36 -12.07
CA SER B 126 -12.56 8.67 -10.77
C SER B 126 -12.69 7.18 -10.93
N PHE B 127 -12.38 6.50 -9.83
CA PHE B 127 -12.67 5.08 -9.65
C PHE B 127 -14.17 4.83 -9.87
N ASP B 128 -14.99 5.84 -9.61
CA ASP B 128 -16.45 5.74 -9.79
C ASP B 128 -16.94 5.68 -11.25
N GLU B 129 -16.00 5.70 -12.20
CA GLU B 129 -16.23 5.47 -13.64
C GLU B 129 -16.69 6.71 -14.43
N SER B 130 -16.88 7.83 -13.73
CA SER B 130 -17.32 9.08 -14.32
C SER B 130 -16.19 10.08 -14.54
N VAL B 131 -16.47 11.00 -15.46
CA VAL B 131 -15.71 12.21 -15.68
C VAL B 131 -16.62 13.36 -15.24
N ARG B 132 -16.10 14.19 -14.34
N ARG B 132 -16.09 14.21 -14.35
CA ARG B 132 -16.83 15.37 -13.93
CA ARG B 132 -16.84 15.38 -13.85
C ARG B 132 -16.18 16.63 -14.49
C ARG B 132 -16.19 16.73 -14.18
N ILE B 133 -17.00 17.64 -14.71
CA ILE B 133 -16.53 18.97 -15.14
C ILE B 133 -17.02 19.96 -14.10
N TRP B 134 -16.09 20.73 -13.52
CA TRP B 134 -16.40 21.59 -12.38
C TRP B 134 -16.18 23.04 -12.70
N ASP B 135 -16.99 23.89 -12.06
CA ASP B 135 -16.78 25.33 -12.12
C ASP B 135 -15.73 25.79 -11.11
N VAL B 136 -14.64 26.37 -11.61
CA VAL B 136 -13.50 26.78 -10.77
C VAL B 136 -13.86 27.85 -9.74
N LYS B 137 -14.63 28.86 -10.15
CA LYS B 137 -15.00 29.99 -9.25
C LYS B 137 -15.92 29.57 -8.10
N THR B 138 -16.97 28.81 -8.42
CA THR B 138 -17.99 28.42 -7.43
C THR B 138 -17.69 27.10 -6.74
N GLY B 139 -16.97 26.22 -7.42
CA GLY B 139 -16.73 24.87 -6.93
C GLY B 139 -17.81 23.85 -7.28
N LYS B 140 -18.87 24.31 -7.93
CA LYS B 140 -20.00 23.44 -8.29
C LYS B 140 -19.63 22.48 -9.43
N CYS B 141 -20.15 21.26 -9.38
CA CYS B 141 -20.07 20.32 -10.49
C CYS B 141 -21.08 20.71 -11.56
N LEU B 142 -20.58 20.97 -12.77
CA LEU B 142 -21.46 21.39 -13.86
C LEU B 142 -22.07 20.23 -14.62
N LYS B 143 -21.26 19.20 -14.90
CA LYS B 143 -21.69 17.99 -15.60
C LYS B 143 -21.03 16.76 -14.98
N THR B 144 -21.80 15.67 -14.91
CA THR B 144 -21.27 14.35 -14.64
C THR B 144 -21.45 13.53 -15.91
N LEU B 145 -20.33 13.11 -16.48
CA LEU B 145 -20.34 12.28 -17.66
C LEU B 145 -20.28 10.80 -17.26
N PRO B 146 -21.29 10.00 -17.71
CA PRO B 146 -21.30 8.54 -17.51
C PRO B 146 -20.30 7.91 -18.48
N ALA B 147 -19.02 8.20 -18.22
CA ALA B 147 -17.98 8.16 -19.23
C ALA B 147 -17.53 6.75 -19.61
N HIS B 148 -17.45 5.88 -18.61
CA HIS B 148 -16.80 4.59 -18.74
C HIS B 148 -17.48 3.53 -17.85
N SER B 149 -17.10 2.26 -18.01
CA SER B 149 -17.62 1.18 -17.17
C SER B 149 -16.52 0.55 -16.29
N ASP B 150 -15.46 1.34 -16.03
CA ASP B 150 -14.37 0.97 -15.11
C ASP B 150 -13.64 2.24 -14.66
N PRO B 151 -12.71 2.15 -13.68
CA PRO B 151 -12.02 3.37 -13.26
C PRO B 151 -11.42 4.20 -14.38
N VAL B 152 -11.49 5.52 -14.25
CA VAL B 152 -10.94 6.49 -15.20
C VAL B 152 -9.51 6.84 -14.77
N SER B 153 -8.55 6.61 -15.66
CA SER B 153 -7.12 6.73 -15.35
C SER B 153 -6.51 8.09 -15.73
N ALA B 154 -7.07 8.76 -16.75
CA ALA B 154 -6.58 10.09 -17.18
C ALA B 154 -7.71 10.94 -17.76
N VAL B 155 -7.63 12.25 -17.54
CA VAL B 155 -8.49 13.25 -18.21
C VAL B 155 -7.64 14.44 -18.66
N HIS B 156 -7.90 14.94 -19.87
CA HIS B 156 -7.10 16.07 -20.38
C HIS B 156 -7.94 16.92 -21.30
N PHE B 157 -7.80 18.23 -21.17
CA PHE B 157 -8.38 19.16 -22.17
C PHE B 157 -7.45 19.34 -23.36
N ASN B 158 -8.03 19.54 -24.55
CA ASN B 158 -7.24 20.03 -25.68
C ASN B 158 -6.89 21.52 -25.58
N ARG B 159 -6.11 21.98 -26.55
CA ARG B 159 -5.53 23.31 -26.58
C ARG B 159 -6.53 24.46 -26.49
N ASP B 160 -7.69 24.33 -27.12
CA ASP B 160 -8.70 25.40 -27.08
C ASP B 160 -9.79 25.12 -26.05
N GLY B 161 -9.61 24.07 -25.25
CA GLY B 161 -10.52 23.70 -24.19
C GLY B 161 -11.87 23.13 -24.63
N SER B 162 -12.07 22.99 -25.95
CA SER B 162 -13.33 22.53 -26.54
C SER B 162 -13.56 21.01 -26.40
N LEU B 163 -12.47 20.27 -26.19
CA LEU B 163 -12.50 18.80 -26.09
C LEU B 163 -11.85 18.29 -24.82
N ILE B 164 -12.36 17.16 -24.34
CA ILE B 164 -11.77 16.40 -23.22
C ILE B 164 -11.50 15.01 -23.74
N VAL B 165 -10.33 14.48 -23.42
CA VAL B 165 -10.05 13.08 -23.67
C VAL B 165 -9.96 12.33 -22.33
N SER B 166 -10.58 11.15 -22.26
CA SER B 166 -10.54 10.33 -21.06
C SER B 166 -10.10 8.92 -21.39
N SER B 167 -9.47 8.27 -20.41
CA SER B 167 -9.08 6.87 -20.60
C SER B 167 -9.54 6.03 -19.43
N SER B 168 -9.73 4.74 -19.68
CA SER B 168 -10.24 3.84 -18.65
C SER B 168 -9.75 2.41 -18.72
N TYR B 169 -9.82 1.77 -17.54
CA TYR B 169 -9.68 0.33 -17.40
C TYR B 169 -10.68 -0.49 -18.23
N ASP B 170 -11.82 0.09 -18.60
CA ASP B 170 -12.74 -0.56 -19.57
C ASP B 170 -12.13 -0.79 -20.96
N GLY B 171 -10.96 -0.21 -21.22
CA GLY B 171 -10.26 -0.44 -22.48
C GLY B 171 -10.58 0.61 -23.54
N LEU B 172 -11.30 1.65 -23.15
CA LEU B 172 -11.65 2.70 -24.09
C LEU B 172 -10.93 4.02 -23.88
N CYS B 173 -10.76 4.74 -24.98
N CYS B 173 -10.70 4.72 -24.99
CA CYS B 173 -10.38 6.14 -24.93
CA CYS B 173 -10.42 6.14 -25.00
C CYS B 173 -11.51 6.94 -25.60
C CYS B 173 -11.66 6.82 -25.53
N ARG B 174 -12.07 7.90 -24.87
CA ARG B 174 -13.21 8.69 -25.35
C ARG B 174 -12.90 10.18 -25.47
N ILE B 175 -13.45 10.81 -26.51
CA ILE B 175 -13.36 12.26 -26.71
C ILE B 175 -14.74 12.85 -26.49
N TRP B 176 -14.77 13.92 -25.71
CA TRP B 176 -15.99 14.53 -25.23
C TRP B 176 -16.02 15.99 -25.63
N ASP B 177 -17.22 16.48 -25.93
CA ASP B 177 -17.43 17.89 -26.21
C ASP B 177 -17.59 18.56 -24.84
N THR B 178 -16.70 19.50 -24.52
CA THR B 178 -16.70 20.14 -23.21
C THR B 178 -18.03 20.82 -22.87
N ALA B 179 -18.54 21.61 -23.82
CA ALA B 179 -19.78 22.39 -23.67
C ALA B 179 -21.01 21.47 -23.51
N SER B 180 -21.10 20.41 -24.32
CA SER B 180 -22.30 19.58 -24.32
C SER B 180 -22.24 18.35 -23.43
N GLY B 181 -21.03 17.88 -23.10
CA GLY B 181 -20.91 16.61 -22.38
C GLY B 181 -21.05 15.35 -23.23
N GLN B 182 -21.35 15.52 -24.52
CA GLN B 182 -21.57 14.36 -25.40
C GLN B 182 -20.27 13.72 -25.89
N CYS B 183 -20.29 12.40 -26.05
CA CYS B 183 -19.15 11.66 -26.56
C CYS B 183 -19.09 11.79 -28.07
N LEU B 184 -17.94 12.28 -28.53
CA LEU B 184 -17.75 12.57 -29.96
C LEU B 184 -17.06 11.43 -30.67
N LYS B 185 -16.23 10.68 -29.95
CA LYS B 185 -15.48 9.55 -30.52
C LYS B 185 -15.11 8.56 -29.42
N THR B 186 -15.15 7.27 -29.76
CA THR B 186 -14.62 6.18 -28.94
C THR B 186 -13.58 5.41 -29.74
N LEU B 187 -12.38 5.29 -29.16
CA LEU B 187 -11.31 4.49 -29.78
C LEU B 187 -11.26 3.09 -29.17
N ILE B 188 -11.31 2.08 -30.03
CA ILE B 188 -11.43 0.66 -29.65
C ILE B 188 -10.24 -0.18 -30.12
N ASP B 189 -9.75 -1.02 -29.21
CA ASP B 189 -8.81 -2.12 -29.51
C ASP B 189 -9.50 -3.45 -29.20
N ASP B 190 -9.43 -4.39 -30.13
CA ASP B 190 -10.14 -5.69 -29.99
C ASP B 190 -9.66 -6.58 -28.85
N ASP B 191 -8.36 -6.54 -28.56
CA ASP B 191 -7.79 -7.29 -27.45
C ASP B 191 -8.10 -6.61 -26.11
N ASN B 192 -8.55 -5.36 -26.19
CA ASN B 192 -9.19 -4.60 -25.09
C ASN B 192 -8.38 -4.35 -23.78
N PRO B 193 -7.06 -4.07 -23.88
CA PRO B 193 -6.34 -3.83 -22.62
C PRO B 193 -6.78 -2.53 -21.88
N PRO B 194 -6.66 -2.49 -20.53
CA PRO B 194 -6.91 -1.22 -19.81
C PRO B 194 -6.12 -0.06 -20.43
N VAL B 195 -6.77 1.08 -20.60
CA VAL B 195 -6.09 2.30 -21.05
C VAL B 195 -5.71 3.07 -19.77
N SER B 196 -4.41 3.18 -19.51
CA SER B 196 -3.86 3.68 -18.23
C SER B 196 -3.45 5.15 -18.21
N PHE B 197 -3.45 5.78 -19.39
CA PHE B 197 -3.03 7.16 -19.57
C PHE B 197 -3.49 7.65 -20.94
N VAL B 198 -3.87 8.93 -21.00
N VAL B 198 -3.93 8.90 -21.00
CA VAL B 198 -4.13 9.60 -22.27
CA VAL B 198 -4.12 9.62 -22.28
C VAL B 198 -3.93 11.12 -22.15
C VAL B 198 -3.77 11.09 -22.11
N LYS B 199 -3.45 11.74 -23.23
N LYS B 199 -3.33 11.71 -23.20
CA LYS B 199 -3.20 13.18 -23.28
CA LYS B 199 -3.32 13.17 -23.31
C LYS B 199 -3.15 13.65 -24.74
C LYS B 199 -3.39 13.55 -24.79
N PHE B 200 -3.76 14.80 -25.05
CA PHE B 200 -3.63 15.42 -26.37
C PHE B 200 -2.17 15.85 -26.63
N SER B 201 -1.78 15.83 -27.90
CA SER B 201 -0.58 16.55 -28.35
C SER B 201 -0.71 18.07 -28.10
N PRO B 202 0.42 18.84 -28.03
CA PRO B 202 0.31 20.29 -27.84
C PRO B 202 -0.61 21.00 -28.85
N ASN B 203 -0.61 20.55 -30.11
CA ASN B 203 -1.46 21.14 -31.15
C ASN B 203 -2.91 20.64 -31.14
N GLY B 204 -3.18 19.61 -30.33
CA GLY B 204 -4.53 19.07 -30.18
C GLY B 204 -4.96 18.13 -31.28
N LYS B 205 -4.07 17.86 -32.24
CA LYS B 205 -4.42 17.04 -33.41
C LYS B 205 -4.34 15.55 -33.12
N TYR B 206 -3.52 15.18 -32.13
CA TYR B 206 -3.27 13.78 -31.80
C TYR B 206 -3.58 13.49 -30.35
N ILE B 207 -3.60 12.20 -30.06
CA ILE B 207 -3.77 11.68 -28.70
C ILE B 207 -2.69 10.61 -28.47
N LEU B 208 -1.99 10.69 -27.33
CA LEU B 208 -1.05 9.66 -26.91
C LEU B 208 -1.71 8.83 -25.82
N ALA B 209 -1.80 7.51 -26.03
CA ALA B 209 -2.49 6.58 -25.09
C ALA B 209 -1.61 5.41 -24.65
N ALA B 210 -1.58 5.15 -23.34
CA ALA B 210 -0.90 3.98 -22.82
C ALA B 210 -1.93 2.92 -22.49
N THR B 211 -1.60 1.68 -22.83
CA THR B 211 -2.37 0.51 -22.41
C THR B 211 -1.48 -0.45 -21.61
N LEU B 212 -2.10 -1.22 -20.73
CA LEU B 212 -1.38 -2.10 -19.79
C LEU B 212 -0.90 -3.41 -20.44
N ASP B 213 -0.42 -3.28 -21.67
CA ASP B 213 0.20 -4.35 -22.44
C ASP B 213 1.56 -3.85 -22.97
N ASN B 214 2.20 -3.00 -22.16
CA ASN B 214 3.55 -2.47 -22.44
C ASN B 214 3.61 -1.71 -23.78
N THR B 215 2.57 -0.91 -24.04
CA THR B 215 2.41 -0.21 -25.32
C THR B 215 1.92 1.22 -25.16
N LEU B 216 2.62 2.15 -25.82
CA LEU B 216 2.09 3.50 -26.09
C LEU B 216 1.66 3.63 -27.54
N LYS B 217 0.55 4.35 -27.78
CA LYS B 217 0.04 4.57 -29.13
C LYS B 217 -0.25 6.04 -29.41
N LEU B 218 0.13 6.48 -30.60
CA LEU B 218 -0.21 7.81 -31.09
C LEU B 218 -1.36 7.70 -32.08
N TRP B 219 -2.47 8.35 -31.75
CA TRP B 219 -3.73 8.32 -32.53
C TRP B 219 -4.05 9.64 -33.23
N ASP B 220 -4.42 9.55 -34.51
CA ASP B 220 -5.21 10.60 -35.14
C ASP B 220 -6.65 10.23 -34.74
N TYR B 221 -7.20 10.95 -33.75
CA TYR B 221 -8.53 10.63 -33.23
C TYR B 221 -9.67 11.01 -34.18
N SER B 222 -9.53 12.15 -34.87
CA SER B 222 -10.51 12.65 -35.83
C SER B 222 -10.54 11.84 -37.13
N LYS B 223 -9.85 10.69 -37.12
CA LYS B 223 -9.87 9.70 -38.18
C LYS B 223 -9.92 8.29 -37.57
N GLY B 224 -9.70 8.22 -36.25
CA GLY B 224 -9.68 6.95 -35.49
C GLY B 224 -8.59 5.98 -35.90
N LYS B 225 -7.45 6.52 -36.35
CA LYS B 225 -6.34 5.71 -36.85
C LYS B 225 -5.14 5.85 -35.94
N CYS B 226 -4.58 4.70 -35.57
CA CYS B 226 -3.30 4.66 -34.88
C CYS B 226 -2.19 4.94 -35.89
N LEU B 227 -1.36 5.95 -35.60
CA LEU B 227 -0.29 6.38 -36.51
C LEU B 227 1.07 5.81 -36.12
N LYS B 228 1.30 5.67 -34.81
CA LYS B 228 2.56 5.22 -34.23
C LYS B 228 2.33 4.37 -32.98
N THR B 229 3.21 3.40 -32.77
CA THR B 229 3.23 2.55 -31.57
C THR B 229 4.64 2.65 -30.97
N TYR B 230 4.75 2.72 -29.64
CA TYR B 230 6.06 2.78 -28.95
C TYR B 230 6.12 1.67 -27.90
N THR B 231 7.18 0.85 -27.97
CA THR B 231 7.33 -0.31 -27.09
C THR B 231 8.79 -0.41 -26.63
N GLY B 232 9.07 -1.40 -25.78
CA GLY B 232 10.41 -1.65 -25.24
C GLY B 232 10.48 -1.46 -23.74
N HIS B 233 9.53 -0.69 -23.20
CA HIS B 233 9.38 -0.43 -21.78
C HIS B 233 8.44 -1.46 -21.12
N LYS B 234 8.30 -1.39 -19.79
CA LYS B 234 7.39 -2.29 -19.08
CA LYS B 234 7.41 -2.30 -19.07
C LYS B 234 6.25 -1.51 -18.45
N ASN B 235 5.04 -1.88 -18.81
CA ASN B 235 3.86 -1.23 -18.30
C ASN B 235 2.67 -2.17 -18.32
N GLU B 236 2.59 -2.99 -17.28
CA GLU B 236 1.52 -3.99 -17.16
C GLU B 236 0.60 -3.76 -15.94
N LYS B 237 0.98 -2.86 -15.04
CA LYS B 237 0.21 -2.65 -13.79
C LYS B 237 -0.13 -1.19 -13.46
N TYR B 238 0.83 -0.28 -13.59
CA TYR B 238 0.65 1.06 -13.05
C TYR B 238 0.17 2.05 -14.10
N CYS B 239 -0.61 3.04 -13.65
CA CYS B 239 -1.05 4.11 -14.54
C CYS B 239 0.07 5.13 -14.65
N ILE B 240 0.95 4.89 -15.64
CA ILE B 240 2.15 5.67 -15.86
C ILE B 240 1.92 6.82 -16.85
N PHE B 241 2.33 8.01 -16.43
CA PHE B 241 2.11 9.26 -17.18
C PHE B 241 3.20 9.47 -18.22
N ALA B 242 2.77 9.66 -19.46
CA ALA B 242 3.67 9.87 -20.60
C ALA B 242 3.50 11.28 -21.17
N ASN B 243 4.42 11.67 -22.08
CA ASN B 243 4.44 13.03 -22.59
C ASN B 243 4.98 13.15 -23.99
N PHE B 244 4.56 14.21 -24.65
CA PHE B 244 5.22 14.77 -25.81
C PHE B 244 6.30 15.73 -25.31
N SER B 245 7.51 15.55 -25.84
CA SER B 245 8.59 16.51 -25.61
C SER B 245 8.80 17.25 -26.91
N VAL B 246 8.68 18.58 -26.87
CA VAL B 246 8.64 19.39 -28.11
C VAL B 246 9.63 20.56 -28.09
N THR B 247 10.34 20.74 -26.98
CA THR B 247 11.23 21.88 -26.79
C THR B 247 12.47 21.84 -27.64
N GLY B 248 13.01 20.64 -27.88
CA GLY B 248 14.15 20.46 -28.78
C GLY B 248 13.72 19.51 -29.87
N GLY B 249 14.26 18.29 -29.83
CA GLY B 249 13.83 17.21 -30.73
C GLY B 249 12.43 16.74 -30.37
N LYS B 250 11.74 16.08 -31.32
CA LYS B 250 10.36 15.65 -31.10
C LYS B 250 10.32 14.25 -30.51
N TRP B 251 10.16 14.18 -29.18
CA TRP B 251 10.25 12.90 -28.45
C TRP B 251 8.93 12.48 -27.82
N ILE B 252 8.84 11.18 -27.54
CA ILE B 252 7.84 10.62 -26.62
C ILE B 252 8.61 10.18 -25.37
N VAL B 253 8.11 10.63 -24.21
CA VAL B 253 8.71 10.33 -22.90
C VAL B 253 7.75 9.53 -22.02
N SER B 254 8.25 8.50 -21.33
CA SER B 254 7.44 7.74 -20.40
C SER B 254 8.23 7.08 -19.30
N GLY B 255 7.59 6.90 -18.15
CA GLY B 255 8.12 6.04 -17.11
C GLY B 255 7.89 4.56 -17.45
N SER B 256 8.41 3.70 -16.59
CA SER B 256 8.37 2.25 -16.86
C SER B 256 8.51 1.49 -15.55
N GLU B 257 8.07 0.24 -15.58
CA GLU B 257 8.07 -0.60 -14.38
C GLU B 257 9.43 -1.32 -14.14
N ASP B 258 10.40 -1.06 -15.02
CA ASP B 258 11.81 -1.46 -14.81
C ASP B 258 12.65 -0.30 -14.21
N ASN B 259 11.97 0.69 -13.64
CA ASN B 259 12.61 1.83 -12.94
C ASN B 259 13.29 2.86 -13.82
N LEU B 260 13.04 2.77 -15.12
CA LEU B 260 13.68 3.65 -16.10
C LEU B 260 12.71 4.69 -16.68
N VAL B 261 13.26 5.81 -17.15
CA VAL B 261 12.54 6.71 -18.04
C VAL B 261 12.92 6.36 -19.48
N TYR B 262 11.93 6.05 -20.30
CA TYR B 262 12.14 5.81 -21.73
C TYR B 262 11.85 7.02 -22.58
N ILE B 263 12.69 7.22 -23.58
CA ILE B 263 12.51 8.30 -24.54
C ILE B 263 12.61 7.71 -25.94
N TRP B 264 11.57 7.95 -26.76
CA TRP B 264 11.54 7.53 -28.15
C TRP B 264 11.51 8.71 -29.09
N ASN B 265 12.07 8.49 -30.28
CA ASN B 265 11.89 9.36 -31.42
C ASN B 265 10.43 9.20 -31.87
N LEU B 266 9.69 10.32 -31.84
CA LEU B 266 8.24 10.30 -32.13
C LEU B 266 7.92 9.71 -33.51
N GLN B 267 8.65 10.15 -34.54
CA GLN B 267 8.40 9.70 -35.92
C GLN B 267 8.91 8.29 -36.22
N THR B 268 10.13 7.98 -35.78
CA THR B 268 10.76 6.69 -36.12
C THR B 268 10.37 5.57 -35.16
N LYS B 269 9.90 5.95 -33.96
CA LYS B 269 9.52 5.01 -32.89
C LYS B 269 10.71 4.30 -32.24
N GLU B 270 11.93 4.74 -32.53
CA GLU B 270 13.12 4.13 -31.91
C GLU B 270 13.33 4.69 -30.52
N ILE B 271 13.72 3.82 -29.59
CA ILE B 271 14.23 4.26 -28.29
C ILE B 271 15.52 5.03 -28.56
N VAL B 272 15.59 6.24 -28.00
CA VAL B 272 16.75 7.10 -28.19
C VAL B 272 17.52 7.33 -26.87
N GLN B 273 16.83 7.14 -25.74
CA GLN B 273 17.46 7.21 -24.42
C GLN B 273 16.69 6.44 -23.34
N LYS B 274 17.43 5.87 -22.40
CA LYS B 274 16.84 5.26 -21.21
C LYS B 274 17.52 5.87 -19.98
N LEU B 275 16.74 6.49 -19.11
CA LEU B 275 17.33 7.20 -17.96
C LEU B 275 17.29 6.32 -16.73
N GLN B 276 18.49 5.99 -16.25
CA GLN B 276 18.64 5.17 -15.06
C GLN B 276 18.91 6.01 -13.80
N GLY B 277 18.38 5.56 -12.66
CA GLY B 277 18.58 6.27 -11.40
C GLY B 277 17.53 5.96 -10.36
N HIS B 278 16.27 5.85 -10.79
CA HIS B 278 15.19 5.54 -9.88
C HIS B 278 15.30 4.11 -9.33
N THR B 279 14.68 3.89 -8.18
CA THR B 279 14.76 2.59 -7.48
C THR B 279 13.41 1.91 -7.32
N ASP B 280 12.41 2.46 -8.00
CA ASP B 280 11.08 1.84 -8.11
C ASP B 280 10.44 2.34 -9.40
N VAL B 281 9.27 1.79 -9.70
CA VAL B 281 8.44 2.15 -10.85
C VAL B 281 8.39 3.66 -11.02
N VAL B 282 8.74 4.15 -12.21
CA VAL B 282 8.62 5.57 -12.54
C VAL B 282 7.18 5.80 -12.99
N ILE B 283 6.34 6.24 -12.06
CA ILE B 283 4.89 6.41 -12.33
C ILE B 283 4.61 7.71 -13.11
N SER B 284 5.47 8.71 -12.99
CA SER B 284 5.17 10.00 -13.58
C SER B 284 6.37 10.63 -14.25
N THR B 285 6.12 11.25 -15.40
CA THR B 285 7.11 12.11 -16.08
C THR B 285 6.43 13.42 -16.47
N ALA B 286 7.23 14.48 -16.52
CA ALA B 286 6.78 15.77 -17.02
C ALA B 286 7.87 16.41 -17.84
N CYS B 287 7.46 17.17 -18.87
CA CYS B 287 8.39 17.88 -19.75
C CYS B 287 8.19 19.38 -19.56
N HIS B 288 9.31 20.09 -19.37
CA HIS B 288 9.31 21.53 -19.06
C HIS B 288 8.70 22.34 -20.23
N PRO B 289 7.88 23.38 -19.92
CA PRO B 289 7.23 24.14 -21.01
C PRO B 289 8.19 24.78 -22.03
N THR B 290 9.38 25.19 -21.61
CA THR B 290 10.30 25.92 -22.54
C THR B 290 11.71 25.32 -22.68
N GLU B 291 12.17 24.60 -21.65
CA GLU B 291 13.51 24.01 -21.63
C GLU B 291 13.48 22.49 -21.86
N ASN B 292 14.58 21.93 -22.35
CA ASN B 292 14.75 20.46 -22.42
C ASN B 292 15.03 19.88 -21.03
N ILE B 293 13.98 19.90 -20.20
CA ILE B 293 14.08 19.43 -18.81
C ILE B 293 12.95 18.41 -18.60
N ILE B 294 13.30 17.28 -17.99
CA ILE B 294 12.34 16.25 -17.59
C ILE B 294 12.31 16.12 -16.08
N ALA B 295 11.10 16.08 -15.52
CA ALA B 295 10.92 15.64 -14.15
C ALA B 295 10.37 14.22 -14.18
N SER B 296 10.86 13.37 -13.28
CA SER B 296 10.34 12.00 -13.16
C SER B 296 10.16 11.67 -11.69
N ALA B 297 9.25 10.76 -11.38
CA ALA B 297 8.92 10.44 -10.00
C ALA B 297 8.50 8.99 -9.87
N ALA B 298 8.85 8.42 -8.73
CA ALA B 298 8.76 6.98 -8.55
C ALA B 298 8.04 6.57 -7.27
N LEU B 299 7.76 5.28 -7.15
CA LEU B 299 6.86 4.78 -6.13
C LEU B 299 7.53 4.51 -4.76
N GLU B 300 6.92 3.66 -3.94
CA GLU B 300 7.22 3.56 -2.49
C GLU B 300 8.67 3.25 -2.12
N ASN B 301 9.38 2.50 -2.96
CA ASN B 301 10.78 2.12 -2.71
C ASN B 301 11.78 3.14 -3.25
N ASP B 302 11.26 4.33 -3.55
CA ASP B 302 12.07 5.43 -4.12
C ASP B 302 11.64 6.75 -3.45
N LYS B 303 10.38 7.17 -3.68
CA LYS B 303 9.78 8.38 -3.06
C LYS B 303 10.41 9.71 -3.49
N THR B 304 11.21 9.70 -4.56
CA THR B 304 11.89 10.94 -4.98
C THR B 304 11.46 11.39 -6.37
N ILE B 305 11.86 12.62 -6.69
CA ILE B 305 11.63 13.25 -7.98
C ILE B 305 13.03 13.52 -8.50
N LYS B 306 13.25 13.24 -9.77
CA LYS B 306 14.49 13.59 -10.40
C LYS B 306 14.27 14.58 -11.52
N LEU B 307 15.23 15.49 -11.65
CA LEU B 307 15.24 16.55 -12.66
C LEU B 307 16.42 16.28 -13.59
N TRP B 308 16.14 16.23 -14.88
CA TRP B 308 17.11 15.84 -15.92
C TRP B 308 17.18 16.94 -16.97
N LYS B 309 18.39 17.19 -17.49
CA LYS B 309 18.60 18.24 -18.50
CA LYS B 309 18.63 18.25 -18.49
C LYS B 309 19.31 17.68 -19.73
N SER B 310 18.88 18.14 -20.90
CA SER B 310 19.43 17.74 -22.21
C SER B 310 19.72 18.95 -23.09
N ASP B 311 20.62 18.76 -24.06
CA ASP B 311 20.90 19.80 -25.07
C ASP B 311 19.88 19.87 -26.19
N CYS B 312 19.13 18.79 -26.41
CA CYS B 312 18.07 18.75 -27.43
C CYS B 312 16.91 17.85 -26.99
C4 5ML C . 4.54 -10.43 13.30
C5 5ML C . 6.44 -7.35 12.24
C6 5ML C . 7.81 -7.04 12.11
N1 5ML C . 6.03 -8.52 12.96
C7 5ML C . 9.69 -7.57 13.65
C8 5ML C . 10.79 -8.57 13.81
N2 5ML C . 8.67 -7.89 12.84
C9 5ML C . 11.29 -8.77 15.10
C10 5ML C . 12.28 -9.73 15.31
C11 5ML C . 12.78 -10.46 14.25
C12 5ML C . 12.32 -10.24 12.95
N3 5ML C . 9.35 -2.37 9.23
C13 5ML C . 12.97 -10.94 11.79
C14 5ML C . 11.32 -9.31 12.76
C15 5ML C . 8.17 -5.82 11.55
O 5ML C . 9.64 -6.55 14.34
C16 5ML C . 7.22 -4.91 11.06
C19 5ML C . 7.64 -3.65 10.40
C27 5ML C . 6.76 -2.59 10.27
C26 5ML C . 7.15 -1.39 9.62
C25 5ML C . 6.29 -0.28 9.45
C24 5ML C . 6.72 0.83 8.78
C23 5ML C . 8.01 0.89 8.26
C22 5ML C . 8.88 -0.16 8.42
C21 5ML C . 8.46 -1.33 9.10
C20 5ML C . 8.93 -3.46 9.87
C17 5ML C . 5.88 -5.24 11.19
C18 5ML C . 5.49 -6.43 11.77
C2 5ML C . 6.39 -8.58 14.39
C1 5ML C . 6.25 -10.00 14.92
C3 5ML C . 4.67 -9.02 12.78
N 5ML C . 4.89 -10.50 14.72
C 5ML C . 4.75 -11.87 15.23
C1 GOL D . -11.78 -28.21 9.41
O1 GOL D . -10.65 -27.95 10.25
C2 GOL D . -11.94 -29.70 9.10
O2 GOL D . -10.64 -30.32 8.99
C3 GOL D . -12.80 -30.49 10.10
O3 GOL D . -13.23 -29.73 11.23
CL CL E . -2.45 -16.89 16.84
C1 EDO F . 7.78 -3.41 14.09
O1 EDO F . 8.01 -4.50 15.00
C2 EDO F . 8.79 -2.27 14.15
O2 EDO F . 10.11 -2.76 14.36
C1 EDO G . 15.49 -4.02 20.89
O1 EDO G . 16.53 -4.99 20.72
C2 EDO G . 16.04 -2.85 21.67
O2 EDO G . 15.73 -3.00 23.06
C1 EDO H . -11.76 -13.54 34.92
O1 EDO H . -12.29 -14.79 34.47
C2 EDO H . -11.45 -13.59 36.41
O2 EDO H . -12.25 -14.57 37.08
C1 EDO I . 5.16 -25.23 30.90
O1 EDO I . 5.80 -25.75 29.73
C2 EDO I . 5.11 -26.29 31.99
O2 EDO I . 4.75 -27.56 31.43
C1 EDO J . 17.06 -13.43 29.80
O1 EDO J . 16.33 -13.55 31.04
C2 EDO J . 17.66 -14.77 29.45
O2 EDO J . 16.61 -15.70 29.23
C1 EDO K . -6.03 -21.91 12.08
O1 EDO K . -7.15 -22.23 12.91
C2 EDO K . -5.23 -23.18 11.88
O2 EDO K . -4.72 -23.58 13.15
C1 EDO L . -10.37 -1.21 0.66
O1 EDO L . -10.09 -1.66 -0.66
C2 EDO L . -11.73 -0.52 0.71
O2 EDO L . -12.73 -1.36 0.11
C1 EDO M . -17.51 -7.68 26.06
O1 EDO M . -17.07 -7.32 27.38
C2 EDO M . -16.82 -8.96 25.66
O2 EDO M . -17.22 -9.99 26.57
UNK UNX N . 12.19 -5.43 11.70
UNK UNX O . 1.63 -27.97 -0.19
UNK UNX P . 19.12 -24.58 19.46
UNK UNX Q . -0.57 6.55 26.12
UNK UNX R . -19.33 -12.76 4.57
UNK UNX S . -6.08 -26.07 33.37
UNK UNX T . 10.07 -24.48 -2.50
UNK UNX U . -16.16 -20.27 5.50
UNK UNX V . -7.58 1.82 15.82
UNK UNX W . -6.19 1.43 0.13
UNK UNX X . -11.62 -22.44 18.94
UNK UNX Y . -0.81 4.04 -1.53
UNK UNX Z . -4.96 -17.87 22.41
C4 5ML AA . -2.82 9.94 -12.04
C5 5ML AA . -3.94 6.57 -10.76
C6 5ML AA . -3.80 5.97 -9.50
N1 5ML AA . -3.10 7.69 -11.11
C7 5ML AA . -1.68 5.74 -8.21
C8 5ML AA . -1.00 6.32 -7.01
N2 5ML AA . -2.70 6.43 -8.75
C9 5ML AA . 0.39 6.21 -6.94
C10 5ML AA . 1.07 6.73 -5.86
C11 5ML AA . 0.38 7.36 -4.84
C12 5ML AA . -1.01 7.48 -4.87
N3 5ML AA . -6.89 1.38 -8.24
C13 5ML AA . -1.76 8.08 -3.71
C14 5ML AA . -1.68 6.95 -5.97
C15 5ML AA . -4.50 4.79 -9.24
O 5ML AA . -1.22 4.77 -8.79
C16 5ML AA . -5.36 4.22 -10.19
C19 5ML AA . -6.13 2.97 -9.88
C27 5ML AA . -6.83 2.30 -10.88
C26 5ML AA . -7.56 1.13 -10.56
C25 5ML AA . -8.20 0.33 -11.54
C24 5ML AA . -8.84 -0.84 -11.17
C23 5ML AA . -8.87 -1.24 -9.85
C22 5ML AA . -8.25 -0.50 -8.87
C21 5ML AA . -7.57 0.71 -9.21
C20 5ML AA . -6.20 2.45 -8.59
C17 5ML AA . -5.48 4.85 -11.42
C18 5ML AA . -4.78 6.00 -11.71
C2 5ML AA . -1.66 7.46 -11.26
C1 5ML AA . -0.91 8.78 -11.21
C3 5ML AA . -3.61 8.63 -12.10
N 5ML AA . -1.40 9.69 -12.25
C 5ML AA . -0.65 10.96 -12.24
C1 EDO BA . 2.89 11.12 -36.72
O1 EDO BA . 3.33 11.21 -38.07
C2 EDO BA . 2.30 12.45 -36.28
O2 EDO BA . 3.22 13.50 -36.59
C1 EDO CA . -19.66 21.82 -18.94
O1 EDO CA . -20.29 21.90 -20.22
C2 EDO CA . -18.86 23.09 -18.73
O2 EDO CA . -19.56 24.18 -19.33
C1 EDO DA . -2.05 0.66 -10.02
O1 EDO DA . -1.80 1.02 -8.66
C2 EDO DA . -2.56 1.89 -10.79
O2 EDO DA . -1.57 2.93 -10.88
C1 EDO EA . 5.62 29.12 -5.18
O1 EDO EA . 4.68 29.88 -4.41
C2 EDO EA . 6.64 28.56 -4.22
O2 EDO EA . 7.34 29.62 -3.58
C1 EDO FA . -5.01 5.03 -5.29
O1 EDO FA . -6.23 4.47 -4.81
C2 EDO FA . -3.83 4.13 -4.93
O2 EDO FA . -3.39 3.44 -6.10
C1 EDO GA . -11.22 29.06 -6.43
O1 EDO GA . -12.63 29.26 -6.24
C2 EDO GA . -10.58 30.38 -6.82
O2 EDO GA . -11.43 31.05 -7.76
C1 EDO HA . 17.27 7.78 -5.28
O1 EDO HA . 16.47 8.72 -5.97
C2 EDO HA . 16.37 6.67 -4.76
O2 EDO HA . 15.64 7.18 -3.62
C1 EDO IA . -2.62 24.92 -17.88
O1 EDO IA . -2.00 24.02 -16.94
C2 EDO IA . -4.09 24.52 -18.05
O2 EDO IA . -4.15 23.29 -18.78
C1 EDO JA . 5.83 -0.90 -5.23
O1 EDO JA . 6.01 0.51 -5.05
C2 EDO JA . 6.13 -1.27 -6.68
O2 EDO JA . 7.33 -2.06 -6.69
UNK UNX KA . -5.80 32.55 -10.38
UNK UNX LA . -12.70 23.68 1.66
UNK UNX MA . -13.26 24.80 -22.08
UNK UNX NA . -21.02 7.24 -22.66
UNK UNX OA . 10.25 18.15 2.48
UNK UNX PA . -4.21 3.01 -27.51
UNK UNX QA . -21.10 3.81 -19.83
UNK UNX RA . 23.33 17.97 -20.55
UNK UNX SA . 7.48 -0.05 -35.17
UNK UNX TA . -1.62 23.92 3.09
UNK UNX UA . 2.34 -7.96 -24.02
#